data_8KIC
#
_entry.id   8KIC
#
_cell.length_a   1.00
_cell.length_b   1.00
_cell.length_c   1.00
_cell.angle_alpha   90.00
_cell.angle_beta   90.00
_cell.angle_gamma   90.00
#
_symmetry.space_group_name_H-M   'P 1'
#
loop_
_entity.id
_entity.type
_entity.pdbx_description
1 polymer 'peptidase Do'
2 polymer 'Lysozyme fragment (unknown sequence)'
3 polymer 'Lysozyme fragment (unknown sequence)'
4 polymer 'Lysozyme fragment (unknown sequence)'
#
loop_
_entity_poly.entity_id
_entity_poly.type
_entity_poly.pdbx_seq_one_letter_code
_entity_poly.pdbx_strand_id
1 'polypeptide(L)'
;MKKQTQLLSALALSVGLTLSASFQAVASIPGQVADQAPLPSLAPMLEKVLPAVVSVRVEGTASQGQKIPEEFKKFFGDDL
PDQPAQPFEGLGSGVIINASKGYVLTNNHVINQAQKISIQLNDGREFDAKLIGSDDQSDIALLQIQNPSKLTQIAIADSD
KLRVGDFAVAVGNPFGLGQTATSGIVSALGRSGLNLEGLENFIQTDASINRGNAGGALLNLNGELIGINTAILAPGGGSV
GIGFAIPSNMARTLAQQLIDFGEIKRGLLGIKGTEMSADIAKAFNLDVQRGAFVSEVLPGSGSAKAGVKAGDIITSLNGK
PLNSFAELRSRIATTEPGTKVKLGLLRNGKPLEVEVTLDTSTSSSASAEMITPALEGATLSDGQLKDGGKGIKIDEVVKG
SPAAQAGLQKDDVIIGVNRDRVNSIAEMRKVLAAKPAIIALQIVRGNESIYLLMRLWHHHHHH
;
D,E,F,C,A,B
2 'polypeptide(L)' (UNK)(UNK)(UNK)(UNK)(UNK)(UNK)(UNK)(UNK) G
3 'polypeptide(L)' (UNK)(UNK)(UNK)(UNK)(UNK) H
4 'polypeptide(L)' (UNK)(UNK)(UNK)(UNK)(UNK)(UNK)(UNK) I
#
# COMPACT_ATOMS: atom_id res chain seq x y z
N SER A 365 0.82 -62.90 -9.90
CA SER A 365 1.15 -61.60 -9.35
C SER A 365 0.32 -60.49 -10.00
N ALA A 366 -0.50 -59.81 -9.21
CA ALA A 366 -1.36 -58.76 -9.73
C ALA A 366 -0.65 -57.42 -9.64
N SER A 367 -0.41 -56.80 -10.79
CA SER A 367 0.17 -55.47 -10.83
C SER A 367 -0.88 -54.43 -10.44
N ALA A 368 -0.47 -53.45 -9.63
CA ALA A 368 -1.43 -52.50 -9.08
C ALA A 368 -1.63 -51.27 -9.95
N GLU A 369 -0.92 -51.15 -11.07
CA GLU A 369 -1.00 -49.93 -11.87
C GLU A 369 -2.40 -49.74 -12.47
N MET A 370 -2.94 -50.77 -13.13
CA MET A 370 -4.25 -50.63 -13.74
C MET A 370 -5.36 -50.82 -12.72
N ILE A 371 -5.04 -51.18 -11.48
CA ILE A 371 -6.03 -51.16 -10.41
C ILE A 371 -6.26 -49.73 -9.93
N THR A 372 -5.17 -49.05 -9.56
CA THR A 372 -5.16 -47.62 -9.26
C THR A 372 -3.74 -47.13 -9.40
N PRO A 373 -3.50 -46.04 -10.14
CA PRO A 373 -2.13 -45.52 -10.26
C PRO A 373 -1.53 -45.06 -8.95
N ALA A 374 -2.36 -44.74 -7.95
CA ALA A 374 -1.83 -44.32 -6.66
C ALA A 374 -1.04 -45.43 -5.97
N LEU A 375 -1.32 -46.69 -6.31
CA LEU A 375 -0.60 -47.83 -5.76
C LEU A 375 0.47 -48.36 -6.70
N GLU A 376 0.95 -47.54 -7.63
CA GLU A 376 1.94 -47.98 -8.60
C GLU A 376 3.24 -48.38 -7.91
N GLY A 377 3.82 -49.49 -8.36
CA GLY A 377 5.02 -50.02 -7.76
C GLY A 377 4.79 -50.97 -6.61
N ALA A 378 3.54 -51.27 -6.27
CA ALA A 378 3.20 -52.17 -5.19
C ALA A 378 2.71 -53.49 -5.75
N THR A 379 3.37 -54.58 -5.34
CA THR A 379 2.99 -55.93 -5.75
C THR A 379 1.89 -56.42 -4.81
N LEU A 380 0.78 -56.83 -5.39
CA LEU A 380 -0.40 -57.24 -4.63
C LEU A 380 -0.65 -58.73 -4.80
N SER A 381 -1.10 -59.36 -3.71
CA SER A 381 -1.46 -60.76 -3.74
C SER A 381 -2.46 -61.05 -2.63
N ASP A 382 -3.37 -61.98 -2.89
CA ASP A 382 -4.35 -62.38 -1.89
C ASP A 382 -3.67 -63.21 -0.81
N GLY A 383 -3.69 -62.72 0.42
CA GLY A 383 -3.10 -63.44 1.53
C GLY A 383 -4.02 -63.51 2.73
N GLN A 384 -3.45 -63.75 3.91
CA GLN A 384 -4.20 -63.81 5.15
C GLN A 384 -3.38 -63.16 6.27
N LEU A 385 -4.07 -62.72 7.30
CA LEU A 385 -3.41 -62.14 8.46
C LEU A 385 -2.90 -63.23 9.40
N LYS A 386 -2.27 -62.79 10.49
CA LYS A 386 -1.71 -63.74 11.45
C LYS A 386 -2.79 -64.56 12.13
N ASP A 387 -4.01 -64.05 12.20
CA ASP A 387 -5.13 -64.78 12.79
C ASP A 387 -5.93 -65.57 11.77
N GLY A 388 -5.57 -65.50 10.48
CA GLY A 388 -6.33 -66.15 9.43
C GLY A 388 -7.31 -65.27 8.70
N GLY A 389 -7.49 -64.02 9.14
CA GLY A 389 -8.38 -63.12 8.44
C GLY A 389 -7.81 -62.75 7.08
N LYS A 390 -8.71 -62.47 6.14
CA LYS A 390 -8.30 -62.23 4.75
C LYS A 390 -7.84 -60.79 4.55
N GLY A 391 -6.89 -60.63 3.64
CA GLY A 391 -6.39 -59.32 3.28
C GLY A 391 -5.31 -59.46 2.23
N ILE A 392 -4.81 -58.32 1.75
CA ILE A 392 -3.82 -58.29 0.67
C ILE A 392 -2.47 -57.94 1.27
N LYS A 393 -1.53 -58.87 1.18
CA LYS A 393 -0.17 -58.62 1.65
C LYS A 393 0.65 -57.98 0.54
N ILE A 394 1.24 -56.83 0.85
CA ILE A 394 2.04 -56.09 -0.13
C ILE A 394 3.38 -56.80 -0.27
N ASP A 395 3.58 -57.49 -1.41
CA ASP A 395 4.78 -58.29 -1.59
C ASP A 395 6.03 -57.42 -1.74
N GLU A 396 5.96 -56.39 -2.59
CA GLU A 396 7.14 -55.58 -2.86
C GLU A 396 6.70 -54.15 -3.13
N VAL A 397 7.53 -53.20 -2.70
CA VAL A 397 7.32 -51.78 -2.97
C VAL A 397 8.56 -51.25 -3.65
N VAL A 398 8.40 -50.71 -4.85
CA VAL A 398 9.54 -50.17 -5.59
C VAL A 398 9.89 -48.81 -5.01
N LYS A 399 11.18 -48.61 -4.71
CA LYS A 399 11.61 -47.35 -4.13
C LYS A 399 11.52 -46.22 -5.14
N GLY A 400 10.89 -45.12 -4.74
CA GLY A 400 10.58 -44.04 -5.64
C GLY A 400 9.26 -44.16 -6.37
N SER A 401 8.58 -45.31 -6.24
CA SER A 401 7.27 -45.48 -6.84
C SER A 401 6.22 -44.75 -6.01
N PRO A 402 5.04 -44.48 -6.60
CA PRO A 402 3.98 -43.81 -5.83
C PRO A 402 3.58 -44.54 -4.57
N ALA A 403 3.66 -45.87 -4.55
CA ALA A 403 3.33 -46.62 -3.34
C ALA A 403 4.26 -46.27 -2.19
N ALA A 404 5.56 -46.18 -2.46
CA ALA A 404 6.52 -45.80 -1.42
C ALA A 404 6.27 -44.38 -0.94
N GLN A 405 5.91 -43.47 -1.84
CA GLN A 405 5.61 -42.10 -1.44
C GLN A 405 4.36 -42.05 -0.56
N ALA A 406 3.35 -42.84 -0.89
CA ALA A 406 2.12 -42.85 -0.11
C ALA A 406 2.28 -43.55 1.24
N GLY A 407 3.36 -44.29 1.44
CA GLY A 407 3.62 -44.91 2.72
C GLY A 407 3.47 -46.41 2.77
N LEU A 408 3.23 -47.07 1.64
CA LEU A 408 3.14 -48.52 1.63
C LEU A 408 4.51 -49.14 1.84
N GLN A 409 4.52 -50.27 2.54
CA GLN A 409 5.75 -50.95 2.90
C GLN A 409 5.60 -52.44 2.59
N LYS A 410 6.74 -53.11 2.48
CA LYS A 410 6.74 -54.56 2.28
C LYS A 410 6.10 -55.24 3.47
N ASP A 411 5.33 -56.29 3.19
CA ASP A 411 4.62 -57.12 4.15
C ASP A 411 3.42 -56.42 4.79
N ASP A 412 3.04 -55.25 4.29
CA ASP A 412 1.81 -54.61 4.76
C ASP A 412 0.59 -55.37 4.27
N VAL A 413 -0.48 -55.33 5.06
CA VAL A 413 -1.70 -56.10 4.78
C VAL A 413 -2.86 -55.12 4.79
N ILE A 414 -3.31 -54.70 3.60
CA ILE A 414 -4.49 -53.85 3.52
C ILE A 414 -5.72 -54.69 3.85
N ILE A 415 -6.48 -54.25 4.85
CA ILE A 415 -7.69 -54.94 5.28
C ILE A 415 -8.89 -54.04 5.31
N GLY A 416 -8.83 -52.87 4.68
CA GLY A 416 -9.95 -51.95 4.65
C GLY A 416 -9.78 -50.85 3.63
N VAL A 417 -10.88 -50.45 3.00
CA VAL A 417 -10.90 -49.34 2.06
C VAL A 417 -11.98 -48.37 2.52
N ASN A 418 -11.57 -47.16 2.89
CA ASN A 418 -12.45 -46.17 3.51
C ASN A 418 -13.07 -46.84 4.74
N ARG A 419 -14.40 -46.82 4.92
CA ARG A 419 -15.01 -47.55 6.02
C ARG A 419 -15.21 -49.03 5.70
N ASP A 420 -15.26 -49.39 4.41
CA ASP A 420 -15.63 -50.74 4.03
C ASP A 420 -14.49 -51.72 4.27
N ARG A 421 -14.85 -53.00 4.36
CA ARG A 421 -13.91 -54.10 4.57
C ARG A 421 -13.77 -54.86 3.27
N VAL A 422 -12.53 -55.14 2.88
CA VAL A 422 -12.22 -55.75 1.59
C VAL A 422 -11.41 -57.02 1.82
N ASN A 423 -11.48 -57.95 0.88
CA ASN A 423 -10.87 -59.26 1.03
C ASN A 423 -10.02 -59.72 -0.15
N SER A 424 -10.32 -59.28 -1.38
CA SER A 424 -9.64 -59.84 -2.55
C SER A 424 -9.34 -58.73 -3.55
N ILE A 425 -8.43 -59.05 -4.47
CA ILE A 425 -8.02 -58.10 -5.50
C ILE A 425 -9.20 -57.72 -6.37
N ALA A 426 -10.08 -58.69 -6.66
CA ALA A 426 -11.31 -58.38 -7.38
C ALA A 426 -12.20 -57.44 -6.58
N GLU A 427 -12.27 -57.63 -5.26
CA GLU A 427 -13.03 -56.69 -4.43
C GLU A 427 -12.41 -55.31 -4.44
N MET A 428 -11.08 -55.23 -4.41
CA MET A 428 -10.40 -53.94 -4.58
C MET A 428 -10.82 -53.27 -5.88
N ARG A 429 -10.78 -54.01 -6.98
CA ARG A 429 -11.11 -53.44 -8.28
C ARG A 429 -12.56 -53.01 -8.33
N LYS A 430 -13.48 -53.81 -7.78
CA LYS A 430 -14.89 -53.46 -7.78
C LYS A 430 -15.15 -52.22 -6.94
N VAL A 431 -14.50 -52.10 -5.79
CA VAL A 431 -14.67 -50.91 -4.95
C VAL A 431 -14.13 -49.67 -5.65
N LEU A 432 -12.94 -49.78 -6.25
CA LEU A 432 -12.26 -48.61 -6.79
C LEU A 432 -12.64 -48.30 -8.23
N ALA A 433 -13.50 -49.11 -8.85
CA ALA A 433 -14.00 -48.76 -10.19
C ALA A 433 -14.77 -47.45 -10.16
N ALA A 434 -15.43 -47.14 -9.04
CA ALA A 434 -16.19 -45.90 -8.92
C ALA A 434 -15.30 -44.67 -8.84
N LYS A 435 -14.00 -44.85 -8.58
CA LYS A 435 -13.05 -43.75 -8.42
C LYS A 435 -13.53 -42.76 -7.38
N PRO A 436 -13.48 -43.11 -6.09
CA PRO A 436 -13.97 -42.21 -5.04
C PRO A 436 -13.10 -40.98 -4.86
N ALA A 437 -13.46 -40.13 -3.89
CA ALA A 437 -12.74 -38.88 -3.68
C ALA A 437 -11.36 -39.13 -3.06
N ILE A 438 -11.34 -39.72 -1.86
CA ILE A 438 -10.10 -40.08 -1.20
C ILE A 438 -10.23 -41.52 -0.69
N ILE A 439 -9.16 -42.28 -0.81
CA ILE A 439 -9.27 -43.65 -0.21
C ILE A 439 -8.51 -43.65 1.12
N ALA A 440 -9.24 -43.70 2.24
CA ALA A 440 -8.52 -43.84 3.53
C ALA A 440 -8.35 -45.33 3.82
N LEU A 441 -7.19 -45.91 3.45
CA LEU A 441 -6.91 -47.34 3.75
C LEU A 441 -6.77 -47.55 5.26
N GLN A 442 -7.18 -48.70 5.79
CA GLN A 442 -6.96 -49.01 7.23
C GLN A 442 -5.56 -49.62 7.35
N ILE A 443 -5.29 -50.76 6.70
CA ILE A 443 -3.94 -51.44 6.71
C ILE A 443 -3.58 -51.92 8.12
N VAL A 444 -2.50 -52.71 8.23
CA VAL A 444 -2.14 -53.29 9.56
C VAL A 444 -0.64 -53.60 9.77
N ARG A 445 0.24 -52.71 9.34
CA ARG A 445 1.68 -52.90 9.69
C ARG A 445 1.87 -53.20 11.19
N GLY A 446 2.34 -54.41 11.53
CA GLY A 446 2.54 -54.85 12.88
C GLY A 446 1.22 -55.15 13.57
N ASN A 447 1.28 -55.26 14.89
CA ASN A 447 0.06 -55.48 15.65
C ASN A 447 -0.60 -54.16 16.02
N GLU A 448 -0.80 -53.29 15.05
CA GLU A 448 -1.53 -52.05 15.23
C GLU A 448 -2.06 -51.60 13.87
N SER A 449 -2.81 -50.50 13.85
CA SER A 449 -3.41 -50.03 12.62
C SER A 449 -3.10 -48.56 12.42
N TYR A 451 -3.68 -45.31 9.37
CA TYR A 451 -4.46 -44.91 8.21
C TYR A 451 -3.56 -44.16 7.23
N LEU A 452 -3.89 -44.29 5.94
CA LEU A 452 -3.21 -43.59 4.86
C LEU A 452 -4.25 -42.79 4.09
N SER B 365 -10.50 19.94 -59.42
CA SER B 365 -10.21 19.33 -58.12
C SER B 365 -9.12 20.10 -57.38
N ALA B 366 -9.24 20.14 -56.05
CA ALA B 366 -8.27 20.83 -55.22
C ALA B 366 -7.64 19.88 -54.21
N SER B 367 -6.37 20.10 -53.89
CA SER B 367 -5.71 19.33 -52.85
C SER B 367 -6.22 19.75 -51.48
N ALA B 368 -6.54 18.76 -50.63
CA ALA B 368 -7.03 19.03 -49.29
C ALA B 368 -5.92 19.12 -48.25
N GLU B 369 -4.76 18.53 -48.52
CA GLU B 369 -3.65 18.61 -47.57
C GLU B 369 -3.15 20.04 -47.42
N MET B 370 -3.10 20.79 -48.53
CA MET B 370 -2.65 22.17 -48.47
C MET B 370 -3.58 23.01 -47.60
N ILE B 371 -4.87 22.70 -47.57
CA ILE B 371 -5.80 23.40 -46.70
C ILE B 371 -5.42 23.19 -45.23
N THR B 372 -5.15 21.93 -44.86
CA THR B 372 -4.76 21.60 -43.49
C THR B 372 -4.25 20.16 -43.49
N PRO B 373 -3.31 19.81 -42.61
CA PRO B 373 -2.90 18.40 -42.51
C PRO B 373 -4.01 17.48 -42.05
N ALA B 374 -5.04 18.01 -41.39
CA ALA B 374 -6.12 17.16 -40.88
C ALA B 374 -6.89 16.50 -42.01
N LEU B 375 -7.16 17.23 -43.10
CA LEU B 375 -7.96 16.72 -44.20
C LEU B 375 -7.15 15.99 -45.26
N GLU B 376 -6.00 15.41 -44.88
CA GLU B 376 -5.24 14.59 -45.80
C GLU B 376 -6.07 13.40 -46.26
N GLY B 377 -6.08 13.15 -47.58
CA GLY B 377 -6.77 12.02 -48.14
C GLY B 377 -8.14 12.30 -48.71
N ALA B 378 -8.53 13.56 -48.83
CA ALA B 378 -9.83 13.94 -49.36
C ALA B 378 -9.67 14.69 -50.67
N THR B 379 -10.48 14.32 -51.66
CA THR B 379 -10.51 15.03 -52.94
C THR B 379 -11.75 15.91 -52.98
N LEU B 380 -11.54 17.20 -53.19
CA LEU B 380 -12.57 18.20 -52.97
C LEU B 380 -12.96 18.91 -54.25
N SER B 381 -14.05 19.67 -54.18
CA SER B 381 -14.50 20.54 -55.24
C SER B 381 -15.59 21.45 -54.70
N ASP B 382 -15.80 22.59 -55.38
CA ASP B 382 -16.93 23.45 -55.08
C ASP B 382 -18.18 22.86 -55.73
N GLY B 383 -19.13 22.41 -54.90
CA GLY B 383 -20.29 21.73 -55.42
C GLY B 383 -21.61 22.37 -55.03
N GLN B 384 -22.70 21.67 -55.33
CA GLN B 384 -24.05 22.15 -55.04
C GLN B 384 -24.85 21.05 -54.37
N LEU B 385 -25.75 21.44 -53.48
CA LEU B 385 -26.60 20.49 -52.78
C LEU B 385 -27.75 20.05 -53.69
N LYS B 386 -28.56 19.14 -53.16
CA LYS B 386 -29.73 18.66 -53.90
C LYS B 386 -30.75 19.77 -54.11
N ASP B 387 -30.88 20.69 -53.15
CA ASP B 387 -31.77 21.83 -53.28
C ASP B 387 -31.11 23.04 -53.93
N GLY B 388 -29.84 22.93 -54.33
CA GLY B 388 -29.13 24.00 -54.98
C GLY B 388 -28.12 24.73 -54.11
N GLY B 389 -28.11 24.46 -52.80
CA GLY B 389 -27.16 25.14 -51.93
C GLY B 389 -25.72 24.77 -52.27
N LYS B 390 -24.86 25.79 -52.29
CA LYS B 390 -23.45 25.58 -52.60
C LYS B 390 -22.74 24.91 -51.43
N GLY B 391 -21.92 23.92 -51.75
CA GLY B 391 -21.18 23.22 -50.71
C GLY B 391 -19.90 22.64 -51.25
N ILE B 392 -19.30 21.76 -50.45
CA ILE B 392 -18.01 21.15 -50.73
C ILE B 392 -18.23 19.65 -50.87
N LYS B 393 -18.44 19.18 -52.10
CA LYS B 393 -18.72 17.78 -52.33
C LYS B 393 -17.42 16.97 -52.28
N ILE B 394 -17.38 15.98 -51.39
CA ILE B 394 -16.26 15.05 -51.30
C ILE B 394 -16.31 14.14 -52.51
N ASP B 395 -15.18 13.99 -53.20
CA ASP B 395 -15.16 13.24 -54.45
C ASP B 395 -14.36 11.96 -54.38
N GLU B 396 -13.34 11.89 -53.54
CA GLU B 396 -12.57 10.66 -53.38
C GLU B 396 -12.00 10.60 -51.97
N VAL B 397 -12.13 9.42 -51.36
CA VAL B 397 -11.66 9.16 -49.99
C VAL B 397 -10.56 8.12 -50.07
N VAL B 398 -9.38 8.46 -49.57
CA VAL B 398 -8.24 7.54 -49.58
C VAL B 398 -8.36 6.60 -48.38
N LYS B 399 -8.33 5.30 -48.64
CA LYS B 399 -8.47 4.33 -47.56
C LYS B 399 -7.22 4.32 -46.69
N GLY B 400 -7.43 4.46 -45.38
CA GLY B 400 -6.33 4.57 -44.44
C GLY B 400 -5.83 5.98 -44.19
N SER B 401 -6.30 6.96 -44.97
CA SER B 401 -5.89 8.33 -44.80
C SER B 401 -6.58 8.96 -43.59
N PRO B 402 -6.06 10.08 -43.09
CA PRO B 402 -6.74 10.75 -41.96
C PRO B 402 -8.17 11.12 -42.25
N ALA B 403 -8.50 11.48 -43.50
CA ALA B 403 -9.88 11.78 -43.86
C ALA B 403 -10.76 10.55 -43.70
N ALA B 404 -10.26 9.38 -44.13
CA ALA B 404 -11.03 8.15 -43.95
C ALA B 404 -11.10 7.74 -42.48
N GLN B 405 -10.03 7.99 -41.72
CA GLN B 405 -10.05 7.65 -40.30
C GLN B 405 -11.01 8.53 -39.51
N ALA B 406 -11.19 9.78 -39.94
CA ALA B 406 -12.10 10.68 -39.24
C ALA B 406 -13.56 10.30 -39.49
N GLY B 407 -13.88 9.84 -40.69
CA GLY B 407 -15.24 9.43 -41.03
C GLY B 407 -15.82 10.06 -42.28
N LEU B 408 -15.03 10.80 -43.05
CA LEU B 408 -15.52 11.35 -44.31
C LEU B 408 -15.87 10.25 -45.29
N GLN B 409 -16.94 10.47 -46.06
CA GLN B 409 -17.38 9.51 -47.07
C GLN B 409 -17.58 10.23 -48.41
N LYS B 410 -17.92 9.45 -49.43
CA LYS B 410 -18.16 10.01 -50.75
C LYS B 410 -19.50 10.74 -50.78
N ASP B 411 -19.59 11.74 -51.65
CA ASP B 411 -20.74 12.62 -51.86
C ASP B 411 -21.03 13.51 -50.67
N ASP B 412 -20.23 13.48 -49.62
CA ASP B 412 -20.46 14.34 -48.46
C ASP B 412 -20.19 15.80 -48.81
N VAL B 413 -20.96 16.69 -48.20
CA VAL B 413 -20.93 18.12 -48.50
C VAL B 413 -20.83 18.85 -47.17
N ILE B 414 -19.74 19.58 -46.94
CA ILE B 414 -19.55 20.30 -45.68
C ILE B 414 -20.26 21.65 -45.73
N ILE B 415 -21.27 21.82 -44.87
CA ILE B 415 -21.98 23.10 -44.75
C ILE B 415 -21.62 23.82 -43.44
N GLY B 416 -20.57 23.41 -42.74
CA GLY B 416 -20.17 24.15 -41.56
C GLY B 416 -18.76 23.82 -41.09
N VAL B 417 -18.11 24.84 -40.54
CA VAL B 417 -16.94 24.70 -39.69
C VAL B 417 -17.21 25.45 -38.41
N ASN B 418 -17.31 24.74 -37.29
CA ASN B 418 -17.63 25.32 -35.98
C ASN B 418 -18.98 26.03 -36.11
N ARG B 419 -19.07 27.32 -35.81
CA ARG B 419 -20.34 28.03 -35.82
C ARG B 419 -20.58 28.85 -37.09
N ASP B 420 -19.93 28.53 -38.20
CA ASP B 420 -20.03 29.30 -39.43
C ASP B 420 -20.60 28.45 -40.57
N ARG B 421 -20.81 29.11 -41.71
CA ARG B 421 -21.23 28.44 -42.94
C ARG B 421 -20.17 28.66 -44.01
N VAL B 422 -19.77 27.59 -44.67
CA VAL B 422 -18.77 27.64 -45.74
C VAL B 422 -19.47 27.37 -47.07
N ASN B 423 -19.39 28.36 -47.97
CA ASN B 423 -20.01 28.26 -49.28
C ASN B 423 -19.09 27.73 -50.35
N SER B 424 -17.78 27.69 -50.10
CA SER B 424 -16.81 27.29 -51.11
C SER B 424 -15.55 26.83 -50.41
N ILE B 425 -14.66 26.21 -51.19
CA ILE B 425 -13.38 25.76 -50.65
C ILE B 425 -12.58 26.95 -50.13
N ALA B 426 -12.68 28.10 -50.82
CA ALA B 426 -11.93 29.27 -50.39
C ALA B 426 -12.38 29.76 -49.02
N GLU B 427 -13.69 29.76 -48.77
CA GLU B 427 -14.18 30.23 -47.47
C GLU B 427 -13.78 29.28 -46.34
N MET B 428 -13.86 27.97 -46.58
CA MET B 428 -13.39 27.02 -45.58
C MET B 428 -11.91 27.16 -45.33
N ARG B 429 -11.12 27.41 -46.38
CA ARG B 429 -9.69 27.66 -46.23
C ARG B 429 -9.45 28.91 -45.40
N LYS B 430 -10.25 29.96 -45.63
CA LYS B 430 -10.10 31.19 -44.86
C LYS B 430 -10.43 30.96 -43.39
N VAL B 431 -11.45 30.16 -43.11
CA VAL B 431 -11.81 29.89 -41.72
C VAL B 431 -10.75 29.01 -41.05
N LEU B 432 -10.20 28.04 -41.79
CA LEU B 432 -9.22 27.12 -41.23
C LEU B 432 -7.81 27.70 -41.19
N ALA B 433 -7.56 28.82 -41.87
CA ALA B 433 -6.25 29.46 -41.76
C ALA B 433 -6.02 29.99 -40.35
N ALA B 434 -7.07 30.22 -39.59
CA ALA B 434 -6.93 30.60 -38.19
C ALA B 434 -6.45 29.46 -37.32
N LYS B 435 -6.50 28.22 -37.82
CA LYS B 435 -6.03 27.03 -37.12
C LYS B 435 -6.70 26.89 -35.75
N PRO B 436 -7.99 26.56 -35.72
CA PRO B 436 -8.70 26.45 -34.44
C PRO B 436 -8.28 25.20 -33.67
N ALA B 437 -8.69 25.17 -32.40
CA ALA B 437 -8.32 24.05 -31.53
C ALA B 437 -8.93 22.74 -32.04
N ILE B 438 -10.20 22.76 -32.44
CA ILE B 438 -10.85 21.62 -33.08
C ILE B 438 -11.67 22.13 -34.25
N ILE B 439 -12.24 21.19 -35.00
CA ILE B 439 -13.12 21.50 -36.12
C ILE B 439 -14.43 20.74 -35.93
N ALA B 440 -15.54 21.39 -36.29
CA ALA B 440 -16.88 20.81 -36.19
C ALA B 440 -17.54 20.90 -37.56
N LEU B 441 -17.59 19.78 -38.28
CA LEU B 441 -18.12 19.79 -39.67
C LEU B 441 -19.58 19.35 -39.71
N GLN B 442 -20.49 20.24 -40.13
CA GLN B 442 -21.93 19.89 -40.22
C GLN B 442 -22.14 18.76 -41.24
N ILE B 443 -21.35 18.69 -42.29
CA ILE B 443 -21.59 17.70 -43.39
C ILE B 443 -23.10 17.59 -43.66
N VAL B 444 -23.50 16.56 -44.41
CA VAL B 444 -24.93 16.40 -44.77
C VAL B 444 -25.07 15.04 -45.44
N ARG B 445 -24.30 14.05 -44.98
CA ARG B 445 -24.51 12.69 -45.46
C ARG B 445 -25.97 12.31 -45.24
N GLY B 446 -26.71 12.13 -46.33
CA GLY B 446 -28.14 11.94 -46.25
C GLY B 446 -28.87 13.26 -46.11
N ASN B 447 -30.19 13.17 -45.94
CA ASN B 447 -31.02 14.35 -45.73
C ASN B 447 -31.06 14.69 -44.24
N GLU B 448 -29.86 14.82 -43.67
CA GLU B 448 -29.72 14.96 -42.23
C GLU B 448 -28.50 15.81 -41.87
N SER B 449 -28.05 15.72 -40.61
CA SER B 449 -26.91 16.52 -40.16
C SER B 449 -26.07 15.69 -39.21
N ILE B 450 -24.80 15.47 -39.58
CA ILE B 450 -23.86 14.69 -38.80
C ILE B 450 -22.66 15.57 -38.46
N TYR B 451 -22.30 15.63 -37.18
CA TYR B 451 -21.16 16.42 -36.77
C TYR B 451 -19.90 15.56 -36.72
N LEU B 452 -18.75 16.22 -36.83
CA LEU B 452 -17.45 15.58 -36.79
C LEU B 452 -16.56 16.34 -35.81
N LEU B 453 -15.61 15.61 -35.22
CA LEU B 453 -14.64 16.22 -34.33
C LEU B 453 -13.24 15.95 -34.88
N MET B 454 -12.50 17.01 -35.15
CA MET B 454 -11.21 16.91 -35.81
C MET B 454 -10.11 17.32 -34.83
N SER C 365 61.77 13.05 7.41
CA SER C 365 60.33 13.20 7.31
C SER C 365 59.66 11.88 6.95
N ALA C 366 59.08 11.22 7.95
CA ALA C 366 58.38 9.96 7.74
C ALA C 366 57.07 10.22 7.01
N SER C 367 56.77 9.39 6.01
CA SER C 367 55.50 9.49 5.33
C SER C 367 54.35 9.12 6.26
N ALA C 368 53.27 9.89 6.20
CA ALA C 368 52.14 9.69 7.09
C ALA C 368 51.34 8.44 6.77
N GLU C 369 51.64 7.77 5.63
CA GLU C 369 50.88 6.59 5.25
C GLU C 369 51.03 5.48 6.28
N MET C 370 52.24 5.28 6.81
CA MET C 370 52.48 4.19 7.73
C MET C 370 51.73 4.36 9.06
N ILE C 371 51.53 5.60 9.51
CA ILE C 371 50.85 5.82 10.79
C ILE C 371 49.39 5.40 10.70
N THR C 372 48.68 5.85 9.66
CA THR C 372 47.26 5.55 9.52
C THR C 372 46.87 5.67 8.07
N PRO C 373 45.93 4.85 7.57
CA PRO C 373 45.52 4.96 6.17
C PRO C 373 44.92 6.30 5.80
N ALA C 374 44.27 6.98 6.75
CA ALA C 374 43.55 8.22 6.43
C ALA C 374 44.49 9.33 5.99
N LEU C 375 45.73 9.34 6.45
CA LEU C 375 46.68 10.40 6.15
C LEU C 375 47.58 10.07 4.97
N GLU C 376 47.09 9.26 4.03
CA GLU C 376 47.87 8.92 2.85
C GLU C 376 48.17 10.16 2.02
N GLY C 377 49.42 10.29 1.59
CA GLY C 377 49.82 11.37 0.70
C GLY C 377 50.20 12.67 1.38
N ALA C 378 50.45 12.66 2.69
CA ALA C 378 50.83 13.86 3.42
C ALA C 378 52.22 13.67 4.02
N THR C 379 53.05 14.70 3.91
CA THR C 379 54.41 14.68 4.43
C THR C 379 54.46 15.45 5.74
N LEU C 380 54.71 14.73 6.84
CA LEU C 380 54.68 15.31 8.17
C LEU C 380 56.08 15.34 8.77
N SER C 381 56.36 16.40 9.52
CA SER C 381 57.65 16.55 10.18
C SER C 381 57.45 17.31 11.48
N ASP C 382 58.47 17.27 12.33
CA ASP C 382 58.42 17.94 13.62
C ASP C 382 58.87 19.38 13.43
N GLY C 383 57.93 20.32 13.47
CA GLY C 383 58.24 21.71 13.25
C GLY C 383 57.82 22.62 14.39
N GLN C 384 57.72 23.92 14.12
CA GLN C 384 57.36 24.89 15.15
C GLN C 384 56.33 25.87 14.59
N LEU C 385 55.54 26.44 15.50
CA LEU C 385 54.58 27.46 15.14
C LEU C 385 55.27 28.80 14.97
N LYS C 386 54.46 29.85 14.76
CA LYS C 386 54.99 31.21 14.78
C LYS C 386 55.45 31.61 16.18
N ASP C 387 54.72 31.21 17.21
CA ASP C 387 55.00 31.61 18.58
C ASP C 387 55.90 30.62 19.33
N GLY C 388 56.43 29.61 18.64
CA GLY C 388 57.32 28.65 19.26
C GLY C 388 56.67 27.40 19.81
N GLY C 389 55.34 27.36 19.88
CA GLY C 389 54.67 26.14 20.31
C GLY C 389 54.93 24.99 19.37
N LYS C 390 55.30 23.85 19.94
CA LYS C 390 55.64 22.69 19.13
C LYS C 390 54.41 22.12 18.43
N GLY C 391 54.63 21.66 17.20
CA GLY C 391 53.57 21.05 16.44
C GLY C 391 54.12 20.32 15.23
N ILE C 392 53.26 19.56 14.58
CA ILE C 392 53.64 18.75 13.43
C ILE C 392 53.25 19.51 12.17
N LYS C 393 54.23 19.87 11.37
CA LYS C 393 54.01 20.70 10.20
C LYS C 393 53.85 19.82 8.96
N ILE C 394 52.80 20.11 8.19
CA ILE C 394 52.52 19.37 6.96
C ILE C 394 53.40 19.94 5.86
N ASP C 395 54.15 19.08 5.19
CA ASP C 395 55.17 19.55 4.26
C ASP C 395 54.69 19.56 2.81
N GLU C 396 54.07 18.47 2.35
CA GLU C 396 53.56 18.39 0.99
C GLU C 396 52.41 17.38 0.96
N VAL C 397 51.36 17.74 0.22
CA VAL C 397 50.14 16.94 0.15
C VAL C 397 49.93 16.55 -1.30
N VAL C 398 49.66 15.27 -1.54
CA VAL C 398 49.32 14.79 -2.87
C VAL C 398 47.90 15.25 -3.21
N LYS C 399 47.73 15.82 -4.40
CA LYS C 399 46.41 16.23 -4.84
C LYS C 399 45.52 15.01 -5.05
N GLY C 400 44.32 15.04 -4.46
CA GLY C 400 43.41 13.91 -4.54
C GLY C 400 43.64 12.84 -3.50
N SER C 401 44.69 12.95 -2.69
CA SER C 401 44.93 11.98 -1.64
C SER C 401 43.92 12.15 -0.53
N PRO C 402 43.73 11.12 0.31
CA PRO C 402 42.81 11.28 1.45
C PRO C 402 43.15 12.45 2.35
N ALA C 403 44.44 12.76 2.50
CA ALA C 403 44.82 13.96 3.24
C ALA C 403 44.29 15.21 2.56
N ALA C 404 44.39 15.27 1.23
CA ALA C 404 43.80 16.39 0.49
C ALA C 404 42.28 16.36 0.58
N GLN C 405 41.68 15.17 0.57
CA GLN C 405 40.24 15.06 0.69
C GLN C 405 39.72 15.61 2.02
N ALA C 406 40.41 15.31 3.12
CA ALA C 406 39.97 15.74 4.43
C ALA C 406 40.13 17.24 4.66
N GLY C 407 40.99 17.90 3.88
CA GLY C 407 41.21 19.33 4.04
C GLY C 407 42.60 19.71 4.51
N LEU C 408 43.56 18.79 4.49
CA LEU C 408 44.93 19.13 4.84
C LEU C 408 45.60 19.87 3.69
N GLN C 409 46.37 20.90 4.04
CA GLN C 409 46.98 21.77 3.04
C GLN C 409 48.43 22.08 3.42
N LYS C 410 49.11 22.73 2.49
CA LYS C 410 50.53 23.05 2.66
C LYS C 410 50.76 23.95 3.87
N ASP C 411 51.83 23.64 4.62
CA ASP C 411 52.30 24.40 5.77
C ASP C 411 51.31 24.43 6.92
N ASP C 412 50.40 23.46 7.01
CA ASP C 412 49.54 23.34 8.17
C ASP C 412 50.34 22.81 9.36
N VAL C 413 49.94 23.22 10.56
CA VAL C 413 50.57 22.77 11.79
C VAL C 413 49.48 22.21 12.70
N ILE C 414 49.44 20.88 12.81
CA ILE C 414 48.49 20.22 13.71
C ILE C 414 48.93 20.46 15.15
N ILE C 415 47.96 20.63 16.04
CA ILE C 415 48.23 20.91 17.44
C ILE C 415 47.80 19.76 18.35
N GLY C 416 46.55 19.35 18.26
CA GLY C 416 46.02 18.36 19.19
C GLY C 416 45.04 17.43 18.52
N VAL C 417 44.97 16.22 19.05
CA VAL C 417 44.02 15.21 18.59
C VAL C 417 42.96 15.07 19.66
N ASN C 418 41.72 15.41 19.31
CA ASN C 418 40.60 15.41 20.27
C ASN C 418 41.02 16.29 21.45
N ARG C 419 40.99 15.79 22.68
CA ARG C 419 41.35 16.58 23.86
C ARG C 419 42.81 16.39 24.27
N ASP C 420 43.70 16.09 23.32
CA ASP C 420 45.11 15.85 23.60
C ASP C 420 45.97 16.94 22.96
N ARG C 421 47.29 16.76 23.05
CA ARG C 421 48.26 17.67 22.46
C ARG C 421 49.48 16.86 22.02
N VAL C 422 49.79 16.92 20.73
CA VAL C 422 50.86 16.13 20.13
C VAL C 422 51.98 17.07 19.71
N ASN C 423 53.19 16.79 20.19
CA ASN C 423 54.35 17.63 19.91
C ASN C 423 55.37 16.97 18.98
N SER C 424 55.13 15.73 18.57
CA SER C 424 56.09 15.03 17.71
C SER C 424 55.35 13.96 16.92
N ILE C 425 56.03 13.48 15.87
CA ILE C 425 55.48 12.37 15.09
C ILE C 425 55.36 11.12 15.97
N ALA C 426 56.32 10.91 16.87
CA ALA C 426 56.25 9.78 17.79
C ALA C 426 55.07 9.92 18.74
N GLU C 427 54.82 11.14 19.24
CA GLU C 427 53.67 11.34 20.12
C GLU C 427 52.36 11.10 19.39
N MET C 428 52.23 11.59 18.15
CA MET C 428 51.03 11.33 17.37
C MET C 428 50.85 9.85 17.10
N ARG C 429 51.94 9.15 16.78
CA ARG C 429 51.86 7.71 16.53
C ARG C 429 51.44 6.95 17.79
N LYS C 430 51.98 7.34 18.95
CA LYS C 430 51.59 6.70 20.19
C LYS C 430 50.13 6.95 20.51
N VAL C 431 49.64 8.17 20.24
CA VAL C 431 48.23 8.47 20.45
C VAL C 431 47.36 7.63 19.51
N LEU C 432 47.77 7.50 18.25
CA LEU C 432 46.96 6.81 17.25
C LEU C 432 47.11 5.29 17.30
N ALA C 433 48.09 4.76 18.04
CA ALA C 433 48.29 3.32 18.07
C ALA C 433 47.10 2.59 18.66
N ALA C 434 46.33 3.25 19.53
CA ALA C 434 45.11 2.65 20.05
C ALA C 434 44.03 2.51 18.99
N LYS C 435 44.19 3.17 17.84
CA LYS C 435 43.25 3.14 16.72
C LYS C 435 41.86 3.57 17.17
N PRO C 436 41.65 4.85 17.49
CA PRO C 436 40.31 5.31 17.86
C PRO C 436 39.37 5.32 16.66
N ALA C 437 38.08 5.43 16.91
CA ALA C 437 37.09 5.35 15.84
C ALA C 437 37.22 6.53 14.87
N ILE C 438 37.27 7.75 15.40
CA ILE C 438 37.33 8.95 14.59
C ILE C 438 38.45 9.85 15.10
N ILE C 439 38.98 10.67 14.19
CA ILE C 439 40.10 11.56 14.48
C ILE C 439 39.64 12.98 14.21
N ALA C 440 39.98 13.89 15.14
CA ALA C 440 39.66 15.32 15.03
C ALA C 440 40.93 16.10 15.37
N LEU C 441 41.47 16.80 14.38
CA LEU C 441 42.72 17.57 14.60
C LEU C 441 42.34 19.03 14.84
N GLN C 442 42.62 19.54 16.04
CA GLN C 442 42.37 20.97 16.31
C GLN C 442 43.06 21.78 15.22
N ILE C 443 44.08 21.22 14.54
CA ILE C 443 44.87 21.88 13.44
C ILE C 443 45.15 23.37 13.66
N VAL C 444 45.93 23.98 12.77
CA VAL C 444 46.22 25.45 12.83
C VAL C 444 46.53 25.77 11.36
N ARG C 445 45.63 26.46 10.68
CA ARG C 445 45.88 26.93 9.29
C ARG C 445 45.49 28.42 9.39
N GLY C 446 46.47 29.33 9.40
CA GLY C 446 46.19 30.73 9.60
C GLY C 446 46.01 31.03 11.07
N ASN C 447 45.76 32.30 11.41
CA ASN C 447 45.60 32.67 12.81
C ASN C 447 44.19 32.43 13.32
N GLU C 448 43.68 31.20 13.12
CA GLU C 448 42.39 30.81 13.68
C GLU C 448 42.33 29.29 13.87
N SER C 449 41.19 28.77 14.31
CA SER C 449 41.09 27.38 14.71
C SER C 449 40.04 26.67 13.88
N ILE C 450 40.40 25.50 13.36
CA ILE C 450 39.53 24.68 12.53
C ILE C 450 39.65 23.24 12.99
N TYR C 451 38.53 22.52 13.00
CA TYR C 451 38.53 21.09 13.26
C TYR C 451 38.36 20.32 11.95
N LEU C 452 38.85 19.08 11.95
CA LEU C 452 38.76 18.19 10.80
C LEU C 452 38.20 16.86 11.28
N LEU C 453 37.84 15.99 10.34
CA LEU C 453 37.15 14.76 10.71
C LEU C 453 37.32 13.72 9.61
N MET C 454 37.92 12.57 9.95
CA MET C 454 37.97 11.44 9.05
C MET C 454 37.92 10.16 9.89
N ARG C 455 37.61 9.05 9.22
CA ARG C 455 37.58 7.75 9.86
C ARG C 455 38.78 6.91 9.44
N PRO D 38 -25.67 10.60 10.91
CA PRO D 38 -25.51 9.73 12.08
C PRO D 38 -24.17 9.00 12.08
N LEU D 39 -23.86 8.28 11.01
CA LEU D 39 -22.58 7.60 10.92
C LEU D 39 -21.44 8.61 10.84
N PRO D 40 -20.33 8.38 11.52
CA PRO D 40 -19.18 9.28 11.39
C PRO D 40 -18.62 9.25 9.97
N SER D 41 -18.08 10.38 9.54
CA SER D 41 -17.47 10.48 8.23
C SER D 41 -16.65 11.75 8.14
N LEU D 42 -15.78 11.80 7.13
CA LEU D 42 -15.05 13.01 6.77
C LEU D 42 -15.74 13.80 5.68
N ALA D 43 -16.89 13.35 5.21
CA ALA D 43 -17.58 14.02 4.11
C ALA D 43 -17.97 15.46 4.40
N PRO D 44 -18.52 15.82 5.56
CA PRO D 44 -18.92 17.22 5.77
C PRO D 44 -17.78 18.22 5.64
N MET D 45 -16.58 17.89 6.11
CA MET D 45 -15.48 18.85 6.05
C MET D 45 -14.80 18.86 4.69
N LEU D 46 -14.80 17.74 3.98
CA LEU D 46 -14.18 17.70 2.66
C LEU D 46 -15.03 18.45 1.63
N GLU D 47 -16.31 18.68 1.92
CA GLU D 47 -17.16 19.37 0.97
C GLU D 47 -16.77 20.83 0.82
N LYS D 48 -16.31 21.46 1.90
CA LYS D 48 -15.94 22.87 1.88
C LYS D 48 -14.50 23.11 1.45
N VAL D 49 -13.68 22.07 1.35
CA VAL D 49 -12.24 22.22 1.21
C VAL D 49 -11.76 21.76 -0.17
N LEU D 50 -12.39 20.74 -0.75
CA LEU D 50 -11.95 20.20 -2.03
C LEU D 50 -11.86 21.21 -3.17
N PRO D 51 -12.70 22.24 -3.28
CA PRO D 51 -12.54 23.20 -4.39
C PRO D 51 -11.22 23.96 -4.39
N ALA D 52 -10.48 23.98 -3.28
CA ALA D 52 -9.25 24.74 -3.20
C ALA D 52 -8.04 23.99 -3.76
N VAL D 53 -8.16 22.70 -4.04
CA VAL D 53 -7.07 21.91 -4.59
C VAL D 53 -7.30 21.72 -6.08
N VAL D 54 -6.28 21.99 -6.88
CA VAL D 54 -6.41 22.05 -8.33
C VAL D 54 -5.38 21.13 -8.97
N SER D 55 -5.56 20.90 -10.27
CA SER D 55 -4.65 20.10 -11.08
C SER D 55 -3.85 21.01 -12.01
N VAL D 56 -2.57 20.71 -12.17
CA VAL D 56 -1.63 21.54 -12.91
C VAL D 56 -1.12 20.72 -14.10
N ARG D 57 -1.33 21.24 -15.31
CA ARG D 57 -0.92 20.58 -16.55
C ARG D 57 0.15 21.41 -17.23
N VAL D 58 1.25 20.77 -17.60
CA VAL D 58 2.44 21.46 -18.08
C VAL D 58 2.86 20.84 -19.41
N GLU D 59 3.25 21.68 -20.36
CA GLU D 59 3.82 21.20 -21.61
C GLU D 59 5.11 21.95 -21.92
N GLY D 60 6.02 21.27 -22.57
CA GLY D 60 7.30 21.86 -22.93
C GLY D 60 8.16 20.95 -23.76
N THR D 61 9.46 21.03 -23.54
CA THR D 61 10.41 20.22 -24.28
C THR D 61 11.51 19.68 -23.37
N GLN D 86 12.52 17.29 -27.62
CA GLN D 86 11.30 16.50 -27.75
C GLN D 86 10.29 16.93 -26.69
N PRO D 87 9.08 17.26 -27.12
CA PRO D 87 8.08 17.83 -26.20
C PRO D 87 7.67 16.84 -25.12
N PHE D 88 7.21 17.39 -24.00
CA PHE D 88 6.72 16.58 -22.90
C PHE D 88 5.46 17.21 -22.31
N GLU D 89 4.66 16.37 -21.68
CA GLU D 89 3.46 16.76 -20.95
C GLU D 89 3.52 16.17 -19.55
N GLY D 90 3.28 17.00 -18.54
CA GLY D 90 3.32 16.57 -17.15
C GLY D 90 2.12 17.00 -16.34
N LEU D 91 1.83 16.28 -15.26
CA LEU D 91 0.67 16.51 -14.42
C LEU D 91 1.05 16.57 -12.95
N GLY D 92 0.40 17.48 -12.23
CA GLY D 92 0.63 17.62 -10.82
C GLY D 92 -0.56 18.25 -10.13
N SER D 93 -0.37 18.66 -8.88
CA SER D 93 -1.44 19.27 -8.10
C SER D 93 -0.99 20.63 -7.60
N GLY D 94 -1.92 21.36 -6.99
CA GLY D 94 -1.61 22.66 -6.42
C GLY D 94 -2.70 23.12 -5.49
N VAL D 95 -2.36 24.11 -4.68
CA VAL D 95 -3.26 24.61 -3.64
C VAL D 95 -3.48 26.10 -3.84
N ILE D 96 -4.75 26.51 -3.83
CA ILE D 96 -5.08 27.93 -3.97
C ILE D 96 -4.85 28.61 -2.62
N ILE D 97 -4.01 29.64 -2.60
CA ILE D 97 -3.58 30.28 -1.38
C ILE D 97 -4.22 31.66 -1.23
N ASN D 98 -4.43 32.37 -2.33
CA ASN D 98 -5.09 33.67 -2.34
C ASN D 98 -6.15 33.65 -3.43
N ALA D 99 -7.42 33.75 -3.03
CA ALA D 99 -8.50 33.64 -3.99
C ALA D 99 -8.67 34.92 -4.81
N SER D 100 -8.51 36.08 -4.18
CA SER D 100 -8.69 37.33 -4.89
C SER D 100 -7.62 37.53 -5.96
N LYS D 101 -6.37 37.17 -5.65
CA LYS D 101 -5.28 37.38 -6.59
C LYS D 101 -4.90 36.13 -7.36
N GLY D 102 -5.52 34.99 -7.08
CA GLY D 102 -5.23 33.77 -7.79
C GLY D 102 -3.83 33.22 -7.63
N TYR D 103 -3.30 33.19 -6.41
CA TYR D 103 -1.99 32.63 -6.17
C TYR D 103 -2.10 31.14 -5.86
N VAL D 104 -1.26 30.33 -6.49
CA VAL D 104 -1.31 28.88 -6.36
C VAL D 104 0.08 28.40 -5.93
N LEU D 105 0.10 27.59 -4.86
CA LEU D 105 1.30 26.95 -4.37
C LEU D 105 1.44 25.57 -5.00
N THR D 106 2.62 25.27 -5.53
CA THR D 106 2.86 23.97 -6.15
C THR D 106 4.31 23.59 -5.92
N ASN D 107 4.69 22.43 -6.44
CA ASN D 107 6.08 21.97 -6.38
C ASN D 107 6.89 22.54 -7.53
N ASN D 108 8.19 22.64 -7.33
CA ASN D 108 9.06 23.27 -8.33
C ASN D 108 9.42 22.32 -9.47
N HIS D 109 9.40 21.00 -9.23
CA HIS D 109 9.74 20.08 -10.30
C HIS D 109 8.53 19.72 -11.15
N VAL D 110 7.34 20.18 -10.77
CA VAL D 110 6.18 20.05 -11.64
C VAL D 110 6.27 21.05 -12.79
N ILE D 111 6.96 22.17 -12.58
CA ILE D 111 6.88 23.33 -13.44
C ILE D 111 8.20 23.60 -14.18
N ASN D 112 9.26 22.83 -13.90
CA ASN D 112 10.62 23.21 -14.24
C ASN D 112 10.81 23.68 -15.68
N GLN D 113 10.55 22.80 -16.65
CA GLN D 113 10.82 23.10 -18.05
C GLN D 113 9.54 23.47 -18.81
N ALA D 114 8.59 24.10 -18.16
CA ALA D 114 7.32 24.41 -18.80
C ALA D 114 7.45 25.63 -19.71
N GLN D 115 6.73 25.58 -20.84
CA GLN D 115 6.48 26.76 -21.64
C GLN D 115 5.03 27.23 -21.57
N LYS D 116 4.13 26.33 -21.18
CA LYS D 116 2.73 26.66 -20.98
C LYS D 116 2.25 25.93 -19.74
N ILE D 117 1.47 26.61 -18.91
CA ILE D 117 0.95 26.06 -17.66
C ILE D 117 -0.56 26.31 -17.63
N SER D 118 -1.32 25.28 -17.29
CA SER D 118 -2.77 25.37 -17.20
C SER D 118 -3.23 24.88 -15.83
N ILE D 119 -4.32 25.49 -15.35
CA ILE D 119 -4.93 25.12 -14.08
C ILE D 119 -6.34 24.59 -14.37
N GLN D 120 -6.71 23.50 -13.75
CA GLN D 120 -8.06 22.96 -13.86
C GLN D 120 -8.69 22.83 -12.48
N LEU D 121 -9.87 23.42 -12.31
CA LEU D 121 -10.64 23.26 -11.10
C LEU D 121 -11.40 21.94 -11.14
N ASN D 122 -11.86 21.48 -9.97
CA ASN D 122 -12.49 20.16 -9.91
C ASN D 122 -13.91 20.16 -10.45
N ASP D 123 -14.47 21.33 -10.78
CA ASP D 123 -15.76 21.41 -11.44
C ASP D 123 -15.65 21.45 -12.97
N GLY D 124 -14.43 21.54 -13.51
CA GLY D 124 -14.21 21.51 -14.94
C GLY D 124 -13.58 22.76 -15.53
N ARG D 125 -13.67 23.90 -14.86
CA ARG D 125 -13.17 25.15 -15.41
C ARG D 125 -11.65 25.10 -15.59
N GLU D 126 -11.17 25.83 -16.60
CA GLU D 126 -9.75 25.83 -16.94
C GLU D 126 -9.25 27.26 -17.10
N PHE D 127 -8.04 27.51 -16.57
CA PHE D 127 -7.41 28.81 -16.60
C PHE D 127 -5.98 28.66 -17.09
N ASP D 128 -5.39 29.78 -17.49
CA ASP D 128 -3.98 29.88 -17.82
C ASP D 128 -3.23 30.48 -16.65
N ALA D 129 -1.99 30.01 -16.43
CA ALA D 129 -1.21 30.40 -15.27
C ALA D 129 0.16 30.91 -15.69
N LYS D 130 0.75 31.72 -14.82
CA LYS D 130 2.08 32.27 -15.03
C LYS D 130 2.92 32.07 -13.78
N LEU D 131 4.20 31.79 -13.96
CA LEU D 131 5.11 31.54 -12.85
C LEU D 131 5.52 32.87 -12.23
N ILE D 132 5.28 33.01 -10.92
CA ILE D 132 5.66 34.22 -10.21
C ILE D 132 7.05 34.06 -9.60
N GLY D 133 7.35 32.89 -9.05
CA GLY D 133 8.65 32.66 -8.45
C GLY D 133 8.82 31.19 -8.14
N SER D 134 10.06 30.80 -7.90
CA SER D 134 10.38 29.41 -7.66
C SER D 134 11.58 29.32 -6.73
N ASP D 135 11.59 28.25 -5.94
CA ASP D 135 12.64 27.92 -4.98
C ASP D 135 13.09 26.48 -5.20
N ASP D 136 14.28 26.33 -5.76
CA ASP D 136 14.81 25.02 -6.08
C ASP D 136 15.33 24.29 -4.85
N GLN D 137 15.85 25.02 -3.86
CA GLN D 137 16.37 24.36 -2.65
C GLN D 137 15.24 23.77 -1.83
N SER D 138 14.18 24.54 -1.60
CA SER D 138 13.01 24.04 -0.88
C SER D 138 11.94 23.45 -1.78
N ASP D 139 12.09 23.58 -3.09
CA ASP D 139 11.21 22.93 -4.07
C ASP D 139 9.77 23.47 -3.98
N ILE D 140 9.64 24.78 -3.98
CA ILE D 140 8.34 25.43 -3.83
C ILE D 140 8.17 26.48 -4.93
N ALA D 141 7.06 26.42 -5.64
CA ALA D 141 6.79 27.35 -6.73
C ALA D 141 5.46 28.05 -6.50
N LEU D 142 5.39 29.31 -6.93
CA LEU D 142 4.18 30.11 -6.84
C LEU D 142 3.76 30.54 -8.23
N LEU D 143 2.52 30.21 -8.60
CA LEU D 143 1.94 30.58 -9.87
C LEU D 143 0.82 31.60 -9.63
N GLN D 144 0.49 32.33 -10.69
CA GLN D 144 -0.64 33.25 -10.67
C GLN D 144 -1.63 32.86 -11.75
N ILE D 145 -2.91 32.88 -11.42
CA ILE D 145 -3.97 32.58 -12.38
C ILE D 145 -4.31 33.86 -13.12
N GLN D 146 -4.41 33.75 -14.45
CA GLN D 146 -4.78 34.89 -15.27
C GLN D 146 -6.29 35.02 -15.33
N ASN D 147 -6.80 36.20 -14.93
CA ASN D 147 -8.22 36.50 -14.86
C ASN D 147 -8.96 35.51 -13.96
N PRO D 148 -8.72 35.54 -12.65
CA PRO D 148 -9.42 34.61 -11.76
C PRO D 148 -10.90 34.95 -11.66
N SER D 149 -11.68 33.95 -11.27
CA SER D 149 -13.13 34.12 -11.18
C SER D 149 -13.71 33.04 -10.30
N LYS D 150 -14.28 33.43 -9.16
CA LYS D 150 -15.00 32.53 -8.25
C LYS D 150 -14.12 31.37 -7.79
N LEU D 151 -13.08 31.72 -7.02
CA LEU D 151 -12.12 30.77 -6.49
C LEU D 151 -12.32 30.60 -4.98
N THR D 152 -11.81 29.49 -4.46
CA THR D 152 -11.85 29.18 -3.04
C THR D 152 -10.43 28.95 -2.54
N GLN D 153 -10.13 29.46 -1.35
CA GLN D 153 -8.78 29.38 -0.80
C GLN D 153 -8.76 28.56 0.49
N ILE D 154 -7.61 27.98 0.77
CA ILE D 154 -7.40 27.11 1.93
C ILE D 154 -6.95 27.95 3.12
N ALA D 155 -7.24 27.45 4.31
CA ALA D 155 -6.69 27.99 5.54
C ALA D 155 -5.48 27.17 5.98
N ILE D 156 -4.55 27.81 6.67
CA ILE D 156 -3.26 27.22 7.00
C ILE D 156 -3.15 27.08 8.51
N ALA D 157 -2.70 25.91 8.96
CA ALA D 157 -2.53 25.61 10.37
C ALA D 157 -1.07 25.70 10.78
N ASP D 158 -0.84 25.86 12.08
CA ASP D 158 0.51 25.92 12.64
C ASP D 158 1.06 24.51 12.72
N SER D 159 2.07 24.22 11.91
CA SER D 159 2.64 22.88 11.86
C SER D 159 3.63 22.62 12.99
N ASP D 160 3.94 23.64 13.79
CA ASP D 160 4.79 23.44 14.96
C ASP D 160 4.07 22.76 16.11
N LYS D 161 2.74 22.66 16.05
CA LYS D 161 1.95 22.02 17.07
C LYS D 161 1.57 20.58 16.72
N LEU D 162 2.15 20.03 15.66
CA LEU D 162 1.82 18.67 15.24
C LEU D 162 2.48 17.67 16.17
N ARG D 163 1.90 16.46 16.21
CA ARG D 163 2.41 15.37 17.02
C ARG D 163 2.24 14.07 16.26
N VAL D 164 3.04 13.07 16.62
CA VAL D 164 2.94 11.76 15.99
C VAL D 164 1.70 11.05 16.49
N GLY D 165 0.81 10.68 15.58
CA GLY D 165 -0.47 10.08 15.90
C GLY D 165 -1.66 10.88 15.48
N ASP D 166 -1.47 12.12 15.02
CA ASP D 166 -2.58 12.90 14.49
C ASP D 166 -3.03 12.35 13.15
N PHE D 167 -4.32 12.52 12.87
CA PHE D 167 -4.91 12.02 11.64
C PHE D 167 -4.76 13.04 10.51
N ALA D 168 -4.56 12.56 9.29
CA ALA D 168 -4.28 13.40 8.15
C ALA D 168 -4.99 12.89 6.90
N VAL D 169 -5.31 13.82 6.00
CA VAL D 169 -5.95 13.51 4.72
C VAL D 169 -5.08 14.09 3.62
N ALA D 170 -4.76 13.29 2.61
CA ALA D 170 -4.01 13.73 1.45
C ALA D 170 -4.95 13.86 0.26
N VAL D 171 -4.94 15.02 -0.38
CA VAL D 171 -5.77 15.29 -1.56
C VAL D 171 -4.86 15.62 -2.74
N GLY D 172 -5.05 14.90 -3.83
CA GLY D 172 -4.21 15.05 -5.00
C GLY D 172 -4.84 14.49 -6.25
N ASN D 173 -4.01 14.21 -7.25
CA ASN D 173 -4.44 13.76 -8.57
C ASN D 173 -3.56 12.60 -9.04
N PRO D 174 -3.70 11.42 -8.44
CA PRO D 174 -2.80 10.32 -8.78
C PRO D 174 -3.08 9.70 -10.16
N PHE D 175 -2.00 9.50 -10.92
CA PHE D 175 -2.02 8.81 -12.21
C PHE D 175 -2.94 9.50 -13.23
N GLY D 176 -3.27 10.76 -13.00
CA GLY D 176 -4.11 11.48 -13.92
C GLY D 176 -5.57 11.09 -13.88
N LEU D 177 -6.01 10.39 -12.84
CA LEU D 177 -7.39 9.92 -12.77
C LEU D 177 -8.36 11.06 -12.46
N GLY D 178 -7.94 12.03 -11.67
CA GLY D 178 -8.77 13.08 -11.16
C GLY D 178 -8.55 13.26 -9.68
N GLN D 179 -9.33 14.15 -9.08
CA GLN D 179 -9.15 14.48 -7.67
C GLN D 179 -9.48 13.29 -6.78
N THR D 180 -8.59 13.00 -5.84
CA THR D 180 -8.69 11.83 -4.98
C THR D 180 -8.21 12.20 -3.58
N ALA D 181 -8.92 11.69 -2.57
CA ALA D 181 -8.61 11.90 -1.16
C ALA D 181 -8.33 10.56 -0.50
N THR D 182 -7.23 10.48 0.26
CA THR D 182 -6.88 9.31 1.04
C THR D 182 -6.57 9.73 2.48
N SER D 183 -6.54 8.74 3.38
CA SER D 183 -6.49 9.02 4.81
C SER D 183 -5.36 8.25 5.48
N GLY D 184 -4.87 8.79 6.58
CA GLY D 184 -3.80 8.14 7.33
C GLY D 184 -3.48 8.89 8.60
N ILE D 185 -2.29 8.63 9.14
CA ILE D 185 -1.81 9.32 10.34
C ILE D 185 -0.44 9.92 10.05
N VAL D 186 -0.04 10.85 10.92
CA VAL D 186 1.33 11.36 10.93
C VAL D 186 2.21 10.32 11.58
N SER D 187 3.19 9.81 10.83
CA SER D 187 4.05 8.74 11.28
C SER D 187 5.31 9.23 11.98
N ALA D 188 5.85 10.36 11.53
CA ALA D 188 7.10 10.88 12.05
C ALA D 188 7.17 12.37 11.74
N LEU D 189 8.10 13.05 12.41
CA LEU D 189 8.32 14.48 12.23
C LEU D 189 9.81 14.74 12.08
N GLY D 190 10.14 15.83 11.40
CA GLY D 190 11.53 16.24 11.26
C GLY D 190 12.37 15.35 10.39
N ARG D 191 11.76 14.62 9.46
CA ARG D 191 12.50 13.68 8.64
C ARG D 191 13.36 14.41 7.62
N SER D 192 14.56 13.89 7.38
CA SER D 192 15.51 14.50 6.47
C SER D 192 16.50 13.42 6.03
N GLY D 193 17.58 13.86 5.38
CA GLY D 193 18.63 12.94 5.00
C GLY D 193 18.27 11.97 3.90
N LEU D 194 17.22 12.25 3.13
CA LEU D 194 16.85 11.43 2.00
C LEU D 194 17.61 11.77 0.73
N ASN D 195 18.51 12.76 0.79
CA ASN D 195 19.26 13.23 -0.37
C ASN D 195 18.32 13.68 -1.49
N LEU D 196 17.23 14.34 -1.09
CA LEU D 196 16.24 14.86 -2.02
C LEU D 196 16.47 16.32 -2.38
N GLU D 197 16.47 17.21 -1.40
CA GLU D 197 16.60 18.63 -1.64
C GLU D 197 17.71 19.18 -0.75
N GLY D 198 18.04 20.44 -0.96
CA GLY D 198 18.98 21.11 -0.07
C GLY D 198 18.42 21.27 1.32
N LEU D 199 17.10 21.44 1.43
CA LEU D 199 16.42 21.66 2.71
C LEU D 199 15.41 20.55 2.94
N GLU D 200 15.48 19.90 4.09
CA GLU D 200 14.59 18.78 4.43
C GLU D 200 14.15 18.89 5.88
N ASN D 201 12.85 19.10 6.09
CA ASN D 201 12.25 19.07 7.41
C ASN D 201 10.90 18.35 7.34
N PHE D 202 10.90 17.21 6.66
CA PHE D 202 9.67 16.63 6.14
C PHE D 202 8.77 16.07 7.24
N ILE D 203 7.47 16.12 6.96
CA ILE D 203 6.47 15.35 7.70
C ILE D 203 6.30 14.02 6.98
N GLN D 204 6.30 12.94 7.73
CA GLN D 204 6.11 11.60 7.18
C GLN D 204 4.69 11.12 7.47
N THR D 205 4.06 10.51 6.47
CA THR D 205 2.68 10.07 6.59
C THR D 205 2.51 8.74 5.86
N ASP D 206 1.50 7.98 6.25
CA ASP D 206 1.16 6.73 5.59
C ASP D 206 -0.15 6.79 4.82
N ALA D 207 -0.68 7.98 4.56
CA ALA D 207 -1.71 8.12 3.54
C ALA D 207 -1.15 7.76 2.17
N SER D 208 -1.97 7.17 1.33
CA SER D 208 -1.52 6.69 0.02
C SER D 208 -1.18 7.88 -0.87
N ILE D 209 0.07 7.94 -1.33
CA ILE D 209 0.55 9.03 -2.18
C ILE D 209 1.29 8.41 -3.34
N ASN D 210 0.90 8.79 -4.55
CA ASN D 210 1.44 8.18 -5.80
C ASN D 210 1.83 9.28 -6.77
N ARG D 211 2.29 8.93 -7.97
CA ARG D 211 2.69 9.90 -9.02
C ARG D 211 1.52 10.78 -9.44
N GLY D 212 1.73 12.07 -9.51
CA GLY D 212 0.67 13.03 -9.75
C GLY D 212 0.15 13.72 -8.51
N ASN D 213 0.53 13.26 -7.33
CA ASN D 213 0.11 13.87 -6.07
C ASN D 213 0.99 15.04 -5.64
N ALA D 214 2.11 15.28 -6.32
CA ALA D 214 3.07 16.29 -5.86
C ALA D 214 2.53 17.69 -6.10
N GLY D 215 2.63 18.54 -5.07
CA GLY D 215 2.01 19.84 -5.05
C GLY D 215 0.67 19.88 -4.35
N GLY D 216 0.09 18.73 -4.00
CA GLY D 216 -1.23 18.66 -3.42
C GLY D 216 -1.26 18.91 -1.93
N ALA D 217 -2.41 18.66 -1.30
CA ALA D 217 -2.66 19.13 0.05
C ALA D 217 -2.60 18.00 1.06
N LEU D 218 -2.01 18.29 2.22
CA LEU D 218 -2.13 17.47 3.41
C LEU D 218 -2.88 18.27 4.46
N LEU D 219 -3.98 17.73 4.96
CA LEU D 219 -4.89 18.45 5.82
C LEU D 219 -5.15 17.69 7.11
N ASN D 220 -5.57 18.41 8.13
CA ASN D 220 -5.99 17.82 9.38
C ASN D 220 -7.51 17.59 9.34
N LEU D 221 -8.11 17.26 10.49
CA LEU D 221 -9.54 16.95 10.52
C LEU D 221 -10.41 18.18 10.43
N ASN D 222 -9.86 19.39 10.59
CA ASN D 222 -10.60 20.63 10.42
C ASN D 222 -10.50 21.17 9.00
N GLY D 223 -9.74 20.54 8.13
CA GLY D 223 -9.58 21.02 6.77
C GLY D 223 -8.58 22.14 6.61
N GLU D 224 -7.55 22.18 7.45
CA GLU D 224 -6.52 23.20 7.38
C GLU D 224 -5.22 22.60 6.86
N LEU D 225 -4.48 23.41 6.11
CA LEU D 225 -3.26 22.91 5.47
C LEU D 225 -2.16 22.69 6.49
N ILE D 226 -1.57 21.50 6.47
CA ILE D 226 -0.41 21.21 7.31
C ILE D 226 0.80 20.74 6.52
N GLY D 227 0.69 20.56 5.21
CA GLY D 227 1.83 20.15 4.43
C GLY D 227 1.56 20.21 2.94
N ILE D 228 2.64 20.15 2.17
CA ILE D 228 2.60 20.09 0.71
C ILE D 228 3.32 18.82 0.29
N ASN D 229 2.61 17.92 -0.39
CA ASN D 229 3.18 16.62 -0.73
C ASN D 229 4.31 16.77 -1.74
N THR D 230 5.46 16.16 -1.41
CA THR D 230 6.69 16.34 -2.18
C THR D 230 7.27 15.05 -2.72
N ALA D 231 7.42 14.02 -1.88
CA ALA D 231 8.18 12.84 -2.26
C ALA D 231 7.57 11.59 -1.64
N ILE D 232 7.94 10.43 -2.19
CA ILE D 232 7.60 9.14 -1.62
C ILE D 232 8.84 8.26 -1.65
N LEU D 233 8.78 7.19 -0.84
CA LEU D 233 9.79 6.14 -0.84
C LEU D 233 9.11 4.88 -1.37
N ALA D 234 9.51 4.44 -2.56
CA ALA D 234 8.82 3.34 -3.22
C ALA D 234 9.81 2.38 -3.84
N PRO D 235 9.91 1.15 -3.33
CA PRO D 235 10.78 0.16 -3.98
C PRO D 235 10.40 -0.17 -5.41
N GLY D 236 9.10 -0.14 -5.75
CA GLY D 236 8.68 -0.58 -7.05
C GLY D 236 7.74 0.37 -7.79
N GLY D 237 7.92 1.67 -7.58
CA GLY D 237 7.13 2.66 -8.30
C GLY D 237 5.71 2.84 -7.80
N GLY D 238 5.34 2.27 -6.67
CA GLY D 238 4.01 2.42 -6.12
C GLY D 238 4.06 2.68 -4.64
N SER D 239 2.94 3.21 -4.13
CA SER D 239 2.84 3.52 -2.71
C SER D 239 2.98 2.26 -1.86
N VAL D 240 3.80 2.34 -0.82
CA VAL D 240 3.90 1.32 0.21
C VAL D 240 3.58 1.88 1.59
N GLY D 241 3.30 3.17 1.68
CA GLY D 241 2.94 3.80 2.93
C GLY D 241 3.97 4.71 3.54
N ILE D 242 4.90 5.26 2.75
CA ILE D 242 5.94 6.17 3.24
C ILE D 242 5.90 7.40 2.34
N GLY D 243 5.26 8.47 2.78
CA GLY D 243 5.22 9.71 2.02
C GLY D 243 5.69 10.88 2.83
N PHE D 244 6.14 11.92 2.13
CA PHE D 244 6.77 13.09 2.75
C PHE D 244 6.11 14.38 2.28
N ALA D 245 6.03 15.34 3.19
CA ALA D 245 5.39 16.64 2.92
C ALA D 245 6.24 17.76 3.51
N ILE D 246 6.22 18.90 2.85
CA ILE D 246 6.84 20.12 3.41
C ILE D 246 5.89 20.75 4.41
N PRO D 247 6.33 21.05 5.63
CA PRO D 247 5.42 21.67 6.61
C PRO D 247 4.97 23.06 6.17
N SER D 248 3.77 23.43 6.65
CA SER D 248 3.06 24.59 6.12
C SER D 248 3.64 25.93 6.60
N ASN D 249 4.34 25.95 7.73
CA ASN D 249 4.95 27.20 8.19
C ASN D 249 6.03 27.68 7.22
N MET D 250 6.95 26.77 6.86
CA MET D 250 8.00 27.12 5.93
C MET D 250 7.43 27.49 4.57
N ALA D 251 6.43 26.73 4.11
CA ALA D 251 5.83 27.02 2.81
C ALA D 251 5.16 28.38 2.80
N ARG D 252 4.45 28.73 3.87
CA ARG D 252 3.81 30.03 3.96
C ARG D 252 4.84 31.16 3.96
N THR D 253 5.93 30.99 4.73
CA THR D 253 6.96 32.04 4.76
C THR D 253 7.60 32.22 3.39
N LEU D 254 7.91 31.11 2.71
CA LEU D 254 8.52 31.21 1.39
C LEU D 254 7.57 31.84 0.38
N ALA D 255 6.30 31.47 0.42
CA ALA D 255 5.31 32.07 -0.48
C ALA D 255 5.18 33.56 -0.23
N GLN D 256 5.17 33.99 1.03
CA GLN D 256 5.09 35.41 1.31
C GLN D 256 6.32 36.15 0.80
N GLN D 257 7.51 35.55 0.95
CA GLN D 257 8.71 36.18 0.41
C GLN D 257 8.65 36.30 -1.11
N LEU D 258 8.17 35.25 -1.78
CA LEU D 258 8.05 35.29 -3.23
C LEU D 258 7.04 36.35 -3.68
N ILE D 259 5.94 36.49 -2.95
CA ILE D 259 4.95 37.52 -3.28
C ILE D 259 5.55 38.90 -3.08
N ASP D 260 6.26 39.11 -1.97
CA ASP D 260 6.71 40.45 -1.60
C ASP D 260 7.88 40.92 -2.46
N PHE D 261 8.86 40.05 -2.73
CA PHE D 261 10.07 40.46 -3.41
C PHE D 261 10.28 39.80 -4.77
N GLY D 262 9.61 38.70 -5.07
CA GLY D 262 9.83 37.99 -6.31
C GLY D 262 10.93 36.95 -6.25
N GLU D 263 11.77 36.97 -5.22
CA GLU D 263 12.80 35.97 -5.00
C GLU D 263 13.18 35.95 -3.53
N ILE D 264 13.88 34.90 -3.12
CA ILE D 264 14.17 34.62 -1.72
C ILE D 264 15.49 35.22 -1.25
N LYS D 265 15.50 35.72 -0.02
CA LYS D 265 16.68 36.24 0.68
C LYS D 265 17.05 35.22 1.76
N ARG D 266 18.07 34.40 1.48
CA ARG D 266 18.52 33.37 2.40
C ARG D 266 19.52 33.96 3.39
N GLY D 267 19.26 33.78 4.68
CA GLY D 267 20.23 34.17 5.68
C GLY D 267 21.08 33.01 6.16
N LEU D 268 22.37 33.27 6.36
CA LEU D 268 23.32 32.22 6.73
C LEU D 268 24.03 32.60 8.01
N LEU D 269 24.34 31.59 8.81
CA LEU D 269 25.04 31.76 10.07
C LEU D 269 26.55 31.92 9.90
N GLY D 270 27.11 31.41 8.80
CA GLY D 270 28.55 31.44 8.61
C GLY D 270 29.25 30.36 9.42
N ILE D 271 28.56 29.26 9.67
CA ILE D 271 29.08 28.13 10.45
C ILE D 271 28.98 26.87 9.60
N LYS D 272 30.08 26.14 9.51
CA LYS D 272 30.11 24.86 8.82
C LYS D 272 30.27 23.75 9.85
N GLY D 273 29.35 22.79 9.83
CA GLY D 273 29.36 21.74 10.82
C GLY D 273 28.64 20.50 10.32
N THR D 274 28.74 19.44 11.10
CA THR D 274 28.18 18.14 10.75
C THR D 274 27.20 17.68 11.84
N GLU D 275 26.56 16.54 11.58
CA GLU D 275 25.54 16.00 12.48
C GLU D 275 26.17 15.47 13.75
N MET D 276 25.53 15.72 14.89
CA MET D 276 25.96 15.18 16.16
C MET D 276 25.44 13.76 16.32
N SER D 277 26.16 12.94 17.10
CA SER D 277 25.79 11.56 17.32
C SER D 277 26.26 11.12 18.71
N ALA D 278 25.93 9.86 19.05
CA ALA D 278 26.45 9.29 20.29
C ALA D 278 27.91 8.87 20.15
N ASP D 279 28.34 8.54 18.92
CA ASP D 279 29.75 8.20 18.69
C ASP D 279 30.65 9.37 19.01
N ILE D 280 30.28 10.58 18.58
CA ILE D 280 31.04 11.77 18.92
C ILE D 280 30.93 12.09 20.40
N ALA D 281 29.75 11.89 20.99
CA ALA D 281 29.59 12.15 22.42
C ALA D 281 30.46 11.24 23.28
N LYS D 282 30.71 10.01 22.84
CA LYS D 282 31.65 9.13 23.52
C LYS D 282 33.10 9.50 23.25
N ALA D 283 33.35 10.45 22.34
CA ALA D 283 34.69 10.94 22.06
C ALA D 283 34.97 12.28 22.72
N PHE D 284 33.95 12.96 23.23
CA PHE D 284 34.13 14.23 23.94
C PHE D 284 33.55 14.18 25.35
N ASN D 285 33.15 13.00 25.84
CA ASN D 285 32.69 12.81 27.21
C ASN D 285 31.49 13.71 27.53
N LEU D 286 30.40 13.47 26.80
CA LEU D 286 29.18 14.25 26.94
C LEU D 286 28.00 13.34 27.27
N ASP D 287 26.82 13.94 27.36
CA ASP D 287 25.56 13.23 27.56
C ASP D 287 24.57 13.45 26.43
N VAL D 288 24.66 14.57 25.73
CA VAL D 288 23.71 14.90 24.68
C VAL D 288 24.09 14.17 23.40
N GLN D 289 23.09 13.59 22.73
CA GLN D 289 23.30 12.86 21.48
C GLN D 289 22.59 13.50 20.29
N ARG D 290 21.89 14.61 20.50
CA ARG D 290 21.17 15.29 19.43
C ARG D 290 21.59 16.75 19.37
N GLY D 291 21.73 17.27 18.16
CA GLY D 291 22.15 18.64 17.97
C GLY D 291 23.05 18.80 16.77
N ALA D 292 23.81 19.90 16.72
CA ALA D 292 24.71 20.16 15.62
C ALA D 292 26.12 20.43 16.17
N PHE D 293 27.11 19.82 15.53
CA PHE D 293 28.51 19.96 15.90
C PHE D 293 29.15 21.06 15.06
N VAL D 294 29.79 22.02 15.71
CA VAL D 294 30.41 23.14 15.01
C VAL D 294 31.87 22.80 14.71
N SER D 295 32.28 23.02 13.46
CA SER D 295 33.65 22.74 13.04
C SER D 295 34.38 23.95 12.48
N GLU D 296 33.73 24.78 11.67
CA GLU D 296 34.38 25.92 11.03
C GLU D 296 33.54 27.17 11.26
N VAL D 297 34.20 28.26 11.62
CA VAL D 297 33.57 29.57 11.75
C VAL D 297 34.21 30.48 10.72
N LEU D 298 33.47 30.78 9.65
CA LEU D 298 34.01 31.58 8.56
C LEU D 298 34.36 32.98 9.05
N PRO D 299 35.39 33.62 8.51
CA PRO D 299 35.82 34.92 9.04
C PRO D 299 34.78 36.02 8.79
N GLY D 300 34.66 36.91 9.77
CA GLY D 300 33.81 38.07 9.65
C GLY D 300 32.32 37.81 9.64
N SER D 301 31.89 36.58 9.88
CA SER D 301 30.47 36.27 9.87
C SER D 301 29.80 36.82 11.13
N GLY D 302 28.50 36.58 11.23
CA GLY D 302 27.76 37.00 12.42
C GLY D 302 28.18 36.23 13.66
N SER D 303 28.33 34.91 13.53
CA SER D 303 28.75 34.10 14.67
C SER D 303 30.20 34.38 15.04
N ALA D 304 31.04 34.68 14.05
CA ALA D 304 32.43 35.03 14.33
C ALA D 304 32.51 36.29 15.19
N LYS D 305 31.69 37.29 14.88
CA LYS D 305 31.61 38.47 15.73
C LYS D 305 30.99 38.14 17.08
N ALA D 306 30.01 37.24 17.09
CA ALA D 306 29.33 36.85 18.32
C ALA D 306 30.24 36.10 19.28
N GLY D 307 31.26 35.41 18.78
CA GLY D 307 32.18 34.68 19.61
C GLY D 307 32.06 33.16 19.59
N VAL D 308 31.29 32.59 18.67
CA VAL D 308 31.14 31.15 18.57
C VAL D 308 32.41 30.55 17.97
N LYS D 309 33.00 29.58 18.67
CA LYS D 309 34.23 28.94 18.23
C LYS D 309 33.98 27.47 17.94
N ALA D 310 34.90 26.88 17.18
CA ALA D 310 34.77 25.48 16.77
C ALA D 310 34.81 24.55 17.97
N GLY D 311 34.30 23.34 17.78
CA GLY D 311 34.25 22.35 18.83
C GLY D 311 33.01 22.41 19.70
N ASP D 312 32.16 23.41 19.50
CA ASP D 312 30.97 23.56 20.31
C ASP D 312 29.82 22.77 19.72
N ILE D 313 28.75 22.64 20.51
CA ILE D 313 27.56 21.92 20.11
C ILE D 313 26.35 22.83 20.32
N ILE D 314 25.54 22.99 19.28
CA ILE D 314 24.32 23.78 19.36
C ILE D 314 23.18 22.85 19.73
N THR D 315 22.47 23.18 20.81
CA THR D 315 21.39 22.35 21.32
C THR D 315 20.01 22.92 21.05
N SER D 316 19.79 24.21 21.28
CA SER D 316 18.49 24.82 21.11
C SER D 316 18.60 26.08 20.27
N LEU D 317 17.60 26.30 19.42
CA LEU D 317 17.50 27.51 18.60
C LEU D 317 16.34 28.33 19.14
N ASN D 318 16.66 29.50 19.71
CA ASN D 318 15.66 30.37 20.34
C ASN D 318 14.88 29.63 21.42
N GLY D 319 15.56 28.73 22.13
CA GLY D 319 14.95 27.94 23.19
C GLY D 319 14.30 26.65 22.75
N LYS D 320 14.22 26.39 21.44
CA LYS D 320 13.60 25.17 20.93
C LYS D 320 14.67 24.14 20.64
N PRO D 321 14.68 23.00 21.33
CA PRO D 321 15.75 22.02 21.12
C PRO D 321 15.76 21.48 19.70
N LEU D 322 16.96 21.25 19.18
CA LEU D 322 17.17 20.73 17.84
C LEU D 322 17.26 19.21 17.88
N ASN D 323 16.67 18.56 16.87
CA ASN D 323 16.77 17.12 16.71
C ASN D 323 17.69 16.71 15.57
N SER D 324 18.22 17.67 14.80
CA SER D 324 19.08 17.38 13.67
C SER D 324 19.88 18.62 13.33
N PHE D 325 20.83 18.46 12.41
CA PHE D 325 21.57 19.61 11.90
C PHE D 325 20.89 20.19 10.66
N ALA D 326 20.29 19.32 9.85
CA ALA D 326 19.50 19.78 8.71
C ALA D 326 18.28 20.57 9.18
N GLU D 327 17.75 20.21 10.35
CA GLU D 327 16.67 21.00 10.96
C GLU D 327 17.12 22.43 11.21
N LEU D 328 18.30 22.60 11.81
CA LEU D 328 18.84 23.95 12.04
C LEU D 328 19.11 24.65 10.72
N ARG D 329 19.61 23.91 9.72
CA ARG D 329 19.86 24.50 8.41
C ARG D 329 18.59 25.09 7.80
N SER D 330 17.51 24.30 7.82
CA SER D 330 16.25 24.77 7.25
C SER D 330 15.66 25.93 8.07
N ARG D 331 15.76 25.84 9.40
CA ARG D 331 15.27 26.93 10.24
C ARG D 331 16.00 28.23 9.95
N ILE D 332 17.32 28.16 9.75
CA ILE D 332 18.10 29.36 9.46
C ILE D 332 17.78 29.87 8.06
N ALA D 333 17.59 28.96 7.10
CA ALA D 333 17.22 29.37 5.75
C ALA D 333 15.86 30.06 5.72
N THR D 334 14.96 29.69 6.63
CA THR D 334 13.70 30.39 6.75
C THR D 334 13.90 31.83 7.24
N THR D 335 14.83 32.04 8.17
CA THR D 335 15.02 33.34 8.78
C THR D 335 15.49 34.37 7.75
N GLU D 336 14.98 35.59 7.91
CA GLU D 336 15.38 36.69 7.05
C GLU D 336 16.68 37.31 7.56
N PRO D 337 17.55 37.81 6.69
CA PRO D 337 18.79 38.45 7.16
C PRO D 337 18.48 39.70 7.98
N GLY D 338 19.35 39.98 8.95
CA GLY D 338 19.17 41.09 9.85
C GLY D 338 18.44 40.76 11.14
N THR D 339 18.01 39.53 11.32
CA THR D 339 17.34 39.12 12.54
C THR D 339 18.34 38.60 13.56
N LYS D 340 18.02 38.77 14.83
CA LYS D 340 18.86 38.29 15.93
C LYS D 340 18.28 37.00 16.48
N VAL D 341 19.15 35.99 16.63
CA VAL D 341 18.72 34.66 17.03
C VAL D 341 19.47 34.23 18.27
N LYS D 342 18.86 33.28 19.00
CA LYS D 342 19.41 32.75 20.24
C LYS D 342 19.91 31.33 20.01
N LEU D 343 21.13 31.07 20.44
CA LEU D 343 21.75 29.75 20.32
C LEU D 343 22.09 29.25 21.71
N GLY D 344 21.58 28.07 22.06
CA GLY D 344 21.98 27.40 23.28
C GLY D 344 23.14 26.48 23.01
N LEU D 345 24.30 26.81 23.57
CA LEU D 345 25.56 26.17 23.20
C LEU D 345 26.13 25.38 24.37
N LEU D 346 26.94 24.37 24.06
CA LEU D 346 27.64 23.60 25.07
C LEU D 346 29.09 23.43 24.62
N ARG D 347 29.99 24.15 25.28
CA ARG D 347 31.42 24.09 24.95
C ARG D 347 32.19 23.56 26.16
N ASN D 348 33.02 22.54 25.90
CA ASN D 348 33.82 21.89 26.94
C ASN D 348 32.94 21.41 28.10
N GLY D 349 31.72 20.98 27.78
CA GLY D 349 30.80 20.49 28.78
C GLY D 349 30.04 21.56 29.54
N LYS D 350 30.25 22.83 29.23
CA LYS D 350 29.61 23.93 29.93
C LYS D 350 28.59 24.62 29.03
N PRO D 351 27.39 24.89 29.54
CA PRO D 351 26.36 25.54 28.72
C PRO D 351 26.45 27.05 28.72
N LEU D 352 25.97 27.63 27.61
CA LEU D 352 26.03 29.07 27.38
C LEU D 352 24.87 29.47 26.48
N GLU D 353 24.60 30.77 26.45
CA GLU D 353 23.58 31.35 25.57
C GLU D 353 24.23 32.44 24.74
N VAL D 354 24.00 32.43 23.43
CA VAL D 354 24.68 33.31 22.49
C VAL D 354 23.66 34.00 21.60
N GLU D 355 23.84 35.30 21.37
CA GLU D 355 23.01 36.03 20.43
C GLU D 355 23.79 36.24 19.13
N VAL D 356 23.15 35.93 18.00
CA VAL D 356 23.80 35.91 16.70
C VAL D 356 23.04 36.78 15.72
N THR D 357 23.77 37.53 14.89
CA THR D 357 23.22 38.31 13.80
C THR D 357 23.38 37.53 12.50
N LEU D 358 22.31 37.45 11.72
CA LEU D 358 22.36 36.71 10.47
C LEU D 358 23.04 37.51 9.37
N ASP D 359 23.66 36.78 8.43
CA ASP D 359 24.25 37.36 7.24
C ASP D 359 23.29 37.21 6.06
N THR D 360 23.76 37.49 4.86
CA THR D 360 22.98 37.32 3.63
C THR D 360 23.72 36.41 2.67
N SER D 361 22.99 35.45 2.10
CA SER D 361 23.57 34.52 1.14
C SER D 361 23.63 35.14 -0.24
N PRO E 38 -9.36 18.25 21.78
CA PRO E 38 -10.53 18.44 20.94
C PRO E 38 -10.61 17.43 19.78
N LEU E 39 -9.68 17.53 18.83
CA LEU E 39 -9.66 16.61 17.72
C LEU E 39 -9.21 15.23 18.18
N PRO E 40 -9.85 14.17 17.71
CA PRO E 40 -9.37 12.82 18.04
C PRO E 40 -7.97 12.57 17.50
N SER E 41 -7.17 11.82 18.24
CA SER E 41 -5.83 11.47 17.81
C SER E 41 -5.34 10.28 18.62
N LEU E 42 -4.33 9.62 18.07
CA LEU E 42 -3.57 8.60 18.79
C LEU E 42 -2.38 9.18 19.53
N ALA E 43 -2.16 10.48 19.43
CA ALA E 43 -1.00 11.10 20.07
C ALA E 43 -0.97 10.98 21.58
N PRO E 44 -2.06 11.17 22.34
CA PRO E 44 -1.95 11.06 23.80
C PRO E 44 -1.48 9.71 24.29
N MET E 45 -1.88 8.61 23.64
CA MET E 45 -1.47 7.28 24.10
C MET E 45 -0.14 6.85 23.53
N LEU E 46 0.26 7.36 22.37
CA LEU E 46 1.55 7.02 21.79
C LEU E 46 2.69 7.69 22.54
N GLU E 47 2.44 8.82 23.20
CA GLU E 47 3.50 9.55 23.86
C GLU E 47 4.06 8.78 25.05
N LYS E 48 3.32 7.81 25.58
CA LYS E 48 3.75 7.06 26.76
C LYS E 48 4.38 5.72 26.44
N VAL E 49 4.13 5.15 25.26
CA VAL E 49 4.56 3.81 24.93
C VAL E 49 5.74 3.81 23.97
N LEU E 50 5.90 4.88 23.18
CA LEU E 50 6.95 4.91 22.17
C LEU E 50 8.36 4.70 22.72
N PRO E 51 8.75 5.22 23.88
CA PRO E 51 10.13 4.97 24.36
C PRO E 51 10.46 3.50 24.60
N ALA E 52 9.46 2.61 24.67
CA ALA E 52 9.72 1.21 24.96
C ALA E 52 10.04 0.38 23.72
N VAL E 53 9.90 0.93 22.52
CA VAL E 53 10.22 0.23 21.27
C VAL E 53 11.55 0.75 20.77
N VAL E 54 12.47 -0.17 20.47
CA VAL E 54 13.85 0.17 20.16
C VAL E 54 14.22 -0.40 18.80
N SER E 55 15.32 0.10 18.24
CA SER E 55 15.91 -0.41 17.01
C SER E 55 17.13 -1.25 17.34
N VAL E 56 17.32 -2.32 16.58
CA VAL E 56 18.35 -3.32 16.81
C VAL E 56 19.27 -3.35 15.60
N ARG E 57 20.53 -3.01 15.81
CA ARG E 57 21.54 -3.02 14.77
C ARG E 57 22.47 -4.19 14.98
N VAL E 58 22.73 -4.95 13.91
CA VAL E 58 23.46 -6.20 13.99
C VAL E 58 24.60 -6.17 12.99
N GLU E 59 25.79 -6.57 13.43
CA GLU E 59 26.94 -6.76 12.55
C GLU E 59 27.33 -8.23 12.56
N GLY E 60 27.53 -8.80 11.38
CA GLY E 60 27.90 -10.20 11.30
C GLY E 60 28.72 -10.55 10.07
N THR E 61 28.92 -11.84 9.83
CA THR E 61 29.68 -12.30 8.69
C THR E 61 29.05 -13.54 8.06
N GLN E 86 31.94 -12.32 4.04
CA GLN E 86 31.67 -10.93 3.72
C GLN E 86 30.84 -10.29 4.84
N PRO E 87 31.35 -9.21 5.42
CA PRO E 87 30.63 -8.55 6.51
C PRO E 87 29.27 -8.04 6.07
N PHE E 88 28.30 -8.16 6.98
CA PHE E 88 26.96 -7.68 6.71
C PHE E 88 26.44 -6.92 7.93
N GLU E 89 25.52 -5.99 7.66
CA GLU E 89 24.83 -5.24 8.70
C GLU E 89 23.33 -5.38 8.50
N GLY E 90 22.63 -5.75 9.55
CA GLY E 90 21.19 -5.88 9.52
C GLY E 90 20.50 -4.96 10.51
N LEU E 91 19.23 -4.68 10.26
CA LEU E 91 18.45 -3.79 11.10
C LEU E 91 17.09 -4.42 11.41
N GLY E 92 16.63 -4.19 12.63
CA GLY E 92 15.32 -4.66 13.04
C GLY E 92 14.83 -3.85 14.21
N SER E 93 13.82 -4.39 14.89
CA SER E 93 13.22 -3.70 16.02
C SER E 93 13.18 -4.61 17.24
N GLY E 94 12.70 -4.07 18.35
CA GLY E 94 12.56 -4.85 19.57
C GLY E 94 11.70 -4.11 20.56
N VAL E 95 11.23 -4.85 21.57
CA VAL E 95 10.31 -4.33 22.57
C VAL E 95 10.89 -4.56 23.96
N ILE E 96 10.88 -3.53 24.80
CA ILE E 96 11.37 -3.65 26.17
C ILE E 96 10.25 -4.21 27.04
N ILE E 97 10.49 -5.38 27.64
CA ILE E 97 9.49 -6.02 28.48
C ILE E 97 9.86 -6.03 29.96
N ASN E 98 11.10 -5.66 30.31
CA ASN E 98 11.50 -5.49 31.69
C ASN E 98 12.51 -4.35 31.76
N ALA E 99 12.11 -3.23 32.36
CA ALA E 99 12.96 -2.05 32.39
C ALA E 99 14.09 -2.18 33.41
N SER E 100 13.84 -2.87 34.52
CA SER E 100 14.86 -2.98 35.56
C SER E 100 16.03 -3.86 35.12
N LYS E 101 15.74 -4.91 34.36
CA LYS E 101 16.77 -5.83 33.89
C LYS E 101 17.20 -5.56 32.45
N GLY E 102 16.43 -4.78 31.70
CA GLY E 102 16.75 -4.57 30.30
C GLY E 102 16.51 -5.76 29.40
N TYR E 103 15.36 -6.42 29.56
CA TYR E 103 14.99 -7.57 28.74
C TYR E 103 14.24 -7.09 27.50
N VAL E 104 14.70 -7.49 26.32
CA VAL E 104 14.17 -7.02 25.04
C VAL E 104 13.74 -8.23 24.21
N LEU E 105 12.48 -8.23 23.79
CA LEU E 105 11.95 -9.25 22.91
C LEU E 105 12.12 -8.83 21.46
N THR E 106 12.61 -9.74 20.63
CA THR E 106 12.83 -9.47 19.23
C THR E 106 12.60 -10.74 18.41
N ASN E 107 12.86 -10.64 17.11
CA ASN E 107 12.68 -11.74 16.19
C ASN E 107 13.99 -12.52 16.05
N ASN E 108 13.85 -13.81 15.74
CA ASN E 108 15.01 -14.69 15.74
C ASN E 108 15.87 -14.52 14.50
N HIS E 109 15.26 -14.22 13.35
CA HIS E 109 16.04 -14.11 12.13
C HIS E 109 16.71 -12.75 11.98
N VAL E 110 16.31 -11.77 12.77
CA VAL E 110 17.04 -10.50 12.81
C VAL E 110 18.38 -10.70 13.51
N ILE E 111 18.39 -11.47 14.58
CA ILE E 111 19.57 -11.64 15.42
C ILE E 111 20.45 -12.80 14.99
N ASN E 112 20.02 -13.59 14.00
CA ASN E 112 20.54 -14.93 13.73
C ASN E 112 22.06 -15.04 13.74
N GLN E 113 22.73 -14.36 12.81
CA GLN E 113 24.16 -14.54 12.59
C GLN E 113 24.97 -13.32 13.06
N ALA E 114 24.60 -12.74 14.19
CA ALA E 114 25.30 -11.58 14.69
C ALA E 114 26.57 -11.99 15.43
N GLN E 115 27.58 -11.13 15.37
CA GLN E 115 28.69 -11.17 16.29
C GLN E 115 28.63 -10.06 17.32
N LYS E 116 28.00 -8.94 16.97
CA LYS E 116 27.76 -7.83 17.89
C LYS E 116 26.33 -7.33 17.69
N ILE E 117 25.70 -6.90 18.78
CA ILE E 117 24.33 -6.39 18.76
C ILE E 117 24.31 -5.07 19.50
N SER E 118 23.66 -4.06 18.92
CA SER E 118 23.52 -2.75 19.55
C SER E 118 22.04 -2.36 19.59
N ILE E 119 21.67 -1.65 20.65
CA ILE E 119 20.30 -1.15 20.83
C ILE E 119 20.36 0.36 20.83
N GLN E 120 19.48 1.00 20.06
CA GLN E 120 19.39 2.45 20.00
C GLN E 120 17.99 2.88 20.41
N LEU E 121 17.91 3.79 21.38
CA LEU E 121 16.65 4.33 21.85
C LEU E 121 16.17 5.45 20.94
N ASN E 122 14.92 5.85 21.10
CA ASN E 122 14.37 6.88 20.23
C ASN E 122 14.81 8.29 20.63
N ASP E 123 15.44 8.45 21.79
CA ASP E 123 16.07 9.70 22.17
C ASP E 123 17.54 9.77 21.79
N GLY E 124 18.11 8.69 21.28
CA GLY E 124 19.45 8.68 20.73
C GLY E 124 20.46 7.85 21.50
N ARG E 125 20.16 7.45 22.73
CA ARG E 125 21.13 6.70 23.53
C ARG E 125 21.40 5.35 22.90
N GLU E 126 22.63 4.86 23.08
CA GLU E 126 23.05 3.60 22.49
C GLU E 126 23.61 2.68 23.57
N PHE E 127 23.32 1.39 23.42
CA PHE E 127 23.71 0.38 24.39
C PHE E 127 24.18 -0.87 23.67
N ASP E 128 24.94 -1.69 24.40
CA ASP E 128 25.31 -3.02 23.94
C ASP E 128 24.34 -4.05 24.52
N ALA E 129 24.07 -5.09 23.75
CA ALA E 129 23.11 -6.12 24.14
C ALA E 129 23.73 -7.50 24.01
N LYS E 130 23.22 -8.44 24.81
CA LYS E 130 23.66 -9.82 24.80
C LYS E 130 22.47 -10.74 24.64
N LEU E 131 22.61 -11.78 23.84
CA LEU E 131 21.53 -12.75 23.65
C LEU E 131 21.36 -13.62 24.89
N ILE E 132 20.12 -13.78 25.33
CA ILE E 132 19.79 -14.65 26.45
C ILE E 132 19.27 -16.01 25.97
N GLY E 133 18.41 -16.00 24.96
CA GLY E 133 17.92 -17.25 24.40
C GLY E 133 17.20 -16.99 23.09
N SER E 134 16.87 -18.09 22.42
CA SER E 134 16.19 -18.02 21.13
C SER E 134 15.34 -19.26 20.93
N ASP E 135 14.41 -19.16 19.99
CA ASP E 135 13.50 -20.24 19.63
C ASP E 135 13.31 -20.18 18.12
N ASP E 136 13.88 -21.16 17.42
CA ASP E 136 13.87 -21.15 15.96
C ASP E 136 12.51 -21.54 15.39
N GLN E 137 11.82 -22.47 16.06
CA GLN E 137 10.51 -22.90 15.57
C GLN E 137 9.49 -21.79 15.67
N SER E 138 9.42 -21.12 16.82
CA SER E 138 8.51 -20.00 17.02
C SER E 138 9.10 -18.67 16.59
N ASP E 139 10.41 -18.62 16.33
CA ASP E 139 11.09 -17.43 15.81
C ASP E 139 11.05 -16.27 16.80
N ILE E 140 11.47 -16.55 18.04
CA ILE E 140 11.41 -15.55 19.12
C ILE E 140 12.76 -15.50 19.81
N ALA E 141 13.30 -14.29 19.99
CA ALA E 141 14.61 -14.13 20.61
C ALA E 141 14.52 -13.16 21.77
N LEU E 142 15.37 -13.37 22.78
CA LEU E 142 15.41 -12.52 23.97
C LEU E 142 16.81 -12.00 24.18
N LEU E 143 16.93 -10.68 24.39
CA LEU E 143 18.19 -10.00 24.62
C LEU E 143 18.17 -9.33 25.98
N GLN E 144 19.37 -9.00 26.48
CA GLN E 144 19.52 -8.23 27.71
C GLN E 144 20.37 -7.01 27.43
N ILE E 145 19.94 -5.86 27.94
CA ILE E 145 20.71 -4.63 27.76
C ILE E 145 21.80 -4.57 28.81
N GLN E 146 23.03 -4.35 28.36
CA GLN E 146 24.16 -4.20 29.27
C GLN E 146 24.18 -2.79 29.84
N ASN E 147 24.14 -2.70 31.17
CA ASN E 147 24.12 -1.44 31.92
C ASN E 147 22.94 -0.58 31.53
N PRO E 148 21.71 -0.98 31.87
CA PRO E 148 20.55 -0.14 31.55
C PRO E 148 20.44 1.04 32.48
N SER E 149 19.71 2.07 32.02
CA SER E 149 19.51 3.27 32.84
C SER E 149 18.29 4.02 32.33
N LYS E 150 17.27 4.14 33.19
CA LYS E 150 16.08 4.96 32.92
C LYS E 150 15.35 4.48 31.66
N LEU E 151 14.85 3.25 31.73
CA LEU E 151 14.15 2.64 30.61
C LEU E 151 12.65 2.63 30.86
N THR E 152 11.89 2.47 29.79
CA THR E 152 10.44 2.34 29.83
C THR E 152 10.08 0.96 29.32
N GLN E 153 9.09 0.32 29.94
CA GLN E 153 8.66 -1.01 29.53
C GLN E 153 7.21 -1.00 29.07
N ILE E 154 6.86 -2.00 28.28
CA ILE E 154 5.52 -2.15 27.71
C ILE E 154 4.67 -3.02 28.62
N ALA E 155 3.35 -2.84 28.51
CA ALA E 155 2.37 -3.70 29.16
C ALA E 155 1.79 -4.67 28.13
N ILE E 156 1.51 -5.88 28.57
CA ILE E 156 1.06 -6.97 27.71
C ILE E 156 -0.43 -7.18 27.91
N ALA E 157 -1.14 -7.47 26.83
CA ALA E 157 -2.57 -7.73 26.88
C ALA E 157 -2.86 -9.21 26.62
N ASP E 158 -4.12 -9.58 26.75
CA ASP E 158 -4.56 -10.95 26.52
C ASP E 158 -4.95 -11.06 25.05
N SER E 159 -4.14 -11.76 24.27
CA SER E 159 -4.37 -11.85 22.84
C SER E 159 -5.42 -12.91 22.50
N ASP E 160 -5.90 -13.67 23.48
CA ASP E 160 -6.99 -14.60 23.25
C ASP E 160 -8.35 -13.93 23.23
N LYS E 161 -8.41 -12.63 23.52
CA LYS E 161 -9.66 -11.88 23.47
C LYS E 161 -9.79 -11.05 22.20
N LEU E 162 -8.87 -11.19 21.25
CA LEU E 162 -8.91 -10.40 20.04
C LEU E 162 -10.03 -10.87 19.12
N ARG E 163 -10.55 -9.92 18.34
CA ARG E 163 -11.59 -10.20 17.36
C ARG E 163 -11.27 -9.46 16.08
N VAL E 164 -11.86 -9.93 14.97
CA VAL E 164 -11.67 -9.29 13.68
C VAL E 164 -12.39 -7.95 13.68
N GLY E 165 -11.68 -6.88 13.31
CA GLY E 165 -12.21 -5.54 13.34
C GLY E 165 -11.63 -4.65 14.41
N ASP E 166 -10.81 -5.19 15.31
CA ASP E 166 -10.14 -4.37 16.31
C ASP E 166 -9.05 -3.51 15.66
N PHE E 167 -8.85 -2.32 16.21
CA PHE E 167 -7.88 -1.39 15.67
C PHE E 167 -6.50 -1.63 16.25
N ALA E 168 -5.47 -1.48 15.42
CA ALA E 168 -4.10 -1.81 15.79
C ALA E 168 -3.14 -0.74 15.28
N VAL E 169 -2.04 -0.58 16.00
CA VAL E 169 -0.96 0.34 15.64
C VAL E 169 0.34 -0.45 15.59
N ALA E 170 1.07 -0.32 14.48
CA ALA E 170 2.35 -0.97 14.30
C ALA E 170 3.46 0.07 14.49
N VAL E 171 4.42 -0.24 15.36
CA VAL E 171 5.56 0.62 15.61
C VAL E 171 6.82 -0.14 15.27
N GLY E 172 7.65 0.46 14.43
CA GLY E 172 8.85 -0.20 13.95
C GLY E 172 9.85 0.77 13.35
N ASN E 173 10.63 0.25 12.42
CA ASN E 173 11.80 0.97 11.88
C ASN E 173 12.03 0.62 10.42
N PRO E 174 11.09 0.96 9.54
CA PRO E 174 11.19 0.54 8.14
C PRO E 174 12.26 1.27 7.35
N PHE E 175 13.03 0.49 6.59
CA PHE E 175 14.06 0.98 5.67
C PHE E 175 15.16 1.79 6.37
N GLY E 176 15.26 1.68 7.69
CA GLY E 176 16.29 2.40 8.42
C GLY E 176 16.05 3.88 8.58
N LEU E 177 14.81 4.35 8.45
CA LEU E 177 14.54 5.78 8.59
C LEU E 177 14.54 6.22 10.05
N GLY E 178 14.04 5.38 10.94
CA GLY E 178 13.84 5.71 12.33
C GLY E 178 12.49 5.21 12.78
N GLN E 179 12.13 5.53 14.02
CA GLN E 179 10.90 5.02 14.61
C GLN E 179 9.67 5.56 13.88
N THR E 180 8.82 4.65 13.43
CA THR E 180 7.64 4.98 12.65
C THR E 180 6.43 4.25 13.21
N ALA E 181 5.27 4.90 13.12
CA ALA E 181 3.99 4.33 13.56
C ALA E 181 2.97 4.35 12.41
N THR E 182 2.32 3.21 12.19
CA THR E 182 1.26 3.08 11.20
C THR E 182 0.03 2.46 11.86
N SER E 183 -1.12 2.55 11.19
CA SER E 183 -2.39 2.17 11.78
C SER E 183 -3.21 1.28 10.85
N GLY E 184 -4.04 0.43 11.44
CA GLY E 184 -4.87 -0.47 10.67
C GLY E 184 -5.84 -1.23 11.55
N ILE E 185 -6.36 -2.34 11.03
CA ILE E 185 -7.26 -3.22 11.77
C ILE E 185 -6.73 -4.65 11.75
N VAL E 186 -7.29 -5.47 12.64
CA VAL E 186 -7.03 -6.90 12.67
C VAL E 186 -7.87 -7.55 11.58
N SER E 187 -7.21 -8.21 10.63
CA SER E 187 -7.90 -8.74 9.46
C SER E 187 -8.34 -10.19 9.68
N ALA E 188 -7.52 -10.99 10.36
CA ALA E 188 -7.82 -12.40 10.56
C ALA E 188 -7.07 -12.90 11.79
N LEU E 189 -7.50 -14.06 12.28
CA LEU E 189 -6.91 -14.68 13.45
C LEU E 189 -6.51 -16.12 13.14
N GLY E 190 -5.38 -16.54 13.71
CA GLY E 190 -4.94 -17.92 13.58
C GLY E 190 -4.54 -18.33 12.18
N ARG E 191 -3.95 -17.44 11.41
CA ARG E 191 -3.49 -17.78 10.08
C ARG E 191 -2.27 -18.69 10.15
N SER E 192 -2.17 -19.61 9.19
CA SER E 192 -1.07 -20.56 9.15
C SER E 192 -0.91 -21.06 7.72
N GLY E 193 -0.10 -22.10 7.55
CA GLY E 193 0.12 -22.67 6.23
C GLY E 193 1.00 -21.85 5.33
N LEU E 194 1.68 -20.84 5.87
CA LEU E 194 2.56 -19.98 5.09
C LEU E 194 3.94 -20.57 4.89
N ASN E 195 4.26 -21.67 5.57
CA ASN E 195 5.55 -22.34 5.44
C ASN E 195 6.72 -21.39 5.68
N LEU E 196 6.63 -20.59 6.74
CA LEU E 196 7.74 -19.75 7.17
C LEU E 196 8.40 -20.27 8.44
N GLU E 197 7.60 -20.67 9.43
CA GLU E 197 8.10 -21.25 10.66
C GLU E 197 7.42 -22.59 10.88
N GLY E 198 7.97 -23.39 11.77
CA GLY E 198 7.33 -24.65 12.13
C GLY E 198 5.98 -24.44 12.77
N LEU E 199 5.87 -23.46 13.67
CA LEU E 199 4.64 -23.19 14.40
C LEU E 199 4.13 -21.81 14.02
N GLU E 200 2.97 -21.75 13.36
CA GLU E 200 2.37 -20.51 12.90
C GLU E 200 0.93 -20.43 13.39
N ASN E 201 0.62 -19.36 14.12
CA ASN E 201 -0.74 -19.07 14.59
C ASN E 201 -0.99 -17.57 14.43
N PHE E 202 -0.63 -17.03 13.27
CA PHE E 202 -0.40 -15.61 13.12
C PHE E 202 -1.68 -14.78 13.27
N ILE E 203 -1.50 -13.55 13.73
CA ILE E 203 -2.48 -12.48 13.57
C ILE E 203 -2.19 -11.78 12.27
N GLN E 204 -3.22 -11.63 11.42
CA GLN E 204 -3.10 -10.89 10.18
C GLN E 204 -3.61 -9.47 10.38
N THR E 205 -2.89 -8.52 9.79
CA THR E 205 -3.22 -7.10 9.95
C THR E 205 -2.91 -6.38 8.64
N ASP E 206 -3.54 -5.24 8.44
CA ASP E 206 -3.32 -4.41 7.26
C ASP E 206 -2.69 -3.06 7.57
N ALA E 207 -2.02 -2.91 8.71
CA ALA E 207 -1.12 -1.79 8.89
C ALA E 207 0.08 -1.96 7.96
N SER E 208 0.68 -0.82 7.55
CA SER E 208 1.82 -0.86 6.65
C SER E 208 3.03 -1.40 7.39
N ILE E 209 3.53 -2.57 6.97
CA ILE E 209 4.70 -3.19 7.56
C ILE E 209 5.66 -3.51 6.42
N ASN E 210 6.89 -3.04 6.54
CA ASN E 210 7.90 -3.11 5.49
C ASN E 210 9.17 -3.76 6.03
N ARG E 211 10.24 -3.69 5.23
CA ARG E 211 11.52 -4.23 5.65
C ARG E 211 12.11 -3.36 6.75
N GLY E 212 12.55 -4.00 7.84
CA GLY E 212 13.02 -3.33 9.02
C GLY E 212 12.04 -3.31 10.17
N ASN E 213 10.80 -3.75 9.93
CA ASN E 213 9.74 -3.76 10.93
C ASN E 213 9.73 -5.01 11.79
N ALA E 214 10.50 -6.05 11.44
CA ALA E 214 10.45 -7.30 12.17
C ALA E 214 11.04 -7.12 13.57
N GLY E 215 10.36 -7.70 14.55
CA GLY E 215 10.72 -7.55 15.94
C GLY E 215 9.98 -6.46 16.68
N GLY E 216 9.26 -5.59 15.96
CA GLY E 216 8.60 -4.44 16.53
C GLY E 216 7.23 -4.72 17.11
N ALA E 217 6.51 -3.67 17.47
CA ALA E 217 5.32 -3.80 18.32
C ALA E 217 4.04 -3.66 17.51
N LEU E 218 3.06 -4.50 17.85
CA LEU E 218 1.67 -4.32 17.45
C LEU E 218 0.86 -4.06 18.70
N LEU E 219 0.17 -2.92 18.74
CA LEU E 219 -0.49 -2.44 19.94
C LEU E 219 -1.97 -2.22 19.68
N ASN E 220 -2.76 -2.30 20.74
CA ASN E 220 -4.16 -1.92 20.68
C ASN E 220 -4.30 -0.44 21.05
N LEU E 221 -5.54 0.05 21.14
CA LEU E 221 -5.79 1.45 21.38
C LEU E 221 -5.42 1.91 22.79
N ASN E 222 -5.18 0.99 23.71
CA ASN E 222 -4.71 1.32 25.05
C ASN E 222 -3.19 1.40 25.13
N GLY E 223 -2.48 1.03 24.07
CA GLY E 223 -1.03 0.98 24.12
C GLY E 223 -0.47 -0.30 24.69
N GLU E 224 -1.25 -1.37 24.69
CA GLU E 224 -0.82 -2.65 25.23
C GLU E 224 -0.40 -3.57 24.08
N LEU E 225 0.65 -4.35 24.32
CA LEU E 225 1.17 -5.24 23.28
C LEU E 225 0.20 -6.37 23.01
N ILE E 226 -0.09 -6.60 21.73
CA ILE E 226 -0.91 -7.74 21.31
C ILE E 226 -0.18 -8.67 20.35
N GLY E 227 0.98 -8.29 19.83
CA GLY E 227 1.68 -9.13 18.89
C GLY E 227 3.09 -8.63 18.62
N ILE E 228 3.87 -9.47 17.96
CA ILE E 228 5.23 -9.15 17.53
C ILE E 228 5.30 -9.35 16.02
N ASN E 229 5.60 -8.28 15.29
CA ASN E 229 5.57 -8.33 13.83
C ASN E 229 6.65 -9.27 13.30
N THR E 230 6.25 -10.19 12.42
CA THR E 230 7.14 -11.24 11.94
C THR E 230 7.31 -11.27 10.42
N ALA E 231 6.22 -11.26 9.66
CA ALA E 231 6.30 -11.55 8.23
C ALA E 231 5.32 -10.71 7.45
N ILE E 232 5.52 -10.67 6.12
CA ILE E 232 4.59 -10.04 5.20
C ILE E 232 4.40 -10.93 3.99
N LEU E 233 3.36 -10.61 3.22
CA LEU E 233 3.12 -11.22 1.92
C LEU E 233 3.16 -10.12 0.86
N ALA E 234 4.24 -10.09 0.09
CA ALA E 234 4.45 -8.98 -0.84
C ALA E 234 4.85 -9.47 -2.22
N PRO E 235 4.04 -9.23 -3.24
CA PRO E 235 4.43 -9.64 -4.60
C PRO E 235 5.70 -9.00 -5.11
N GLY E 236 5.97 -7.74 -4.75
CA GLY E 236 7.09 -7.03 -5.34
C GLY E 236 8.01 -6.34 -4.35
N GLY E 237 8.11 -6.86 -3.14
CA GLY E 237 9.01 -6.32 -2.15
C GLY E 237 8.50 -5.12 -1.38
N GLY E 238 7.27 -4.69 -1.60
CA GLY E 238 6.68 -3.60 -0.85
C GLY E 238 5.35 -4.02 -0.27
N SER E 239 4.94 -3.32 0.78
CA SER E 239 3.69 -3.63 1.47
C SER E 239 2.50 -3.47 0.54
N VAL E 240 1.62 -4.47 0.56
CA VAL E 240 0.32 -4.38 -0.10
C VAL E 240 -0.84 -4.52 0.88
N GLY E 241 -0.55 -4.59 2.18
CA GLY E 241 -1.57 -4.64 3.20
C GLY E 241 -1.78 -5.98 3.88
N ILE E 242 -0.81 -6.87 3.84
CA ILE E 242 -0.93 -8.21 4.43
C ILE E 242 0.30 -8.45 5.31
N GLY E 243 0.12 -8.33 6.61
CA GLY E 243 1.21 -8.57 7.54
C GLY E 243 0.80 -9.53 8.64
N PHE E 244 1.79 -10.16 9.26
CA PHE E 244 1.57 -11.22 10.23
C PHE E 244 2.36 -10.95 11.50
N ALA E 245 1.77 -11.32 12.63
CA ALA E 245 2.35 -11.08 13.95
C ALA E 245 2.15 -12.29 14.85
N ILE E 246 3.13 -12.56 15.69
CA ILE E 246 2.99 -13.63 16.70
C ILE E 246 2.17 -13.09 17.88
N PRO E 247 1.10 -13.78 18.30
CA PRO E 247 0.31 -13.29 19.43
C PRO E 247 1.10 -13.21 20.72
N SER E 248 0.69 -12.28 21.58
CA SER E 248 1.49 -11.92 22.74
C SER E 248 1.44 -12.97 23.84
N ASN E 249 0.42 -13.83 23.86
CA ASN E 249 0.38 -14.91 24.85
C ASN E 249 1.50 -15.92 24.60
N MET E 250 1.61 -16.38 23.35
CA MET E 250 2.70 -17.28 22.98
C MET E 250 4.06 -16.65 23.26
N ALA E 251 4.22 -15.37 22.89
CA ALA E 251 5.48 -14.69 23.07
C ALA E 251 5.85 -14.57 24.53
N ARG E 252 4.88 -14.23 25.38
CA ARG E 252 5.15 -14.06 26.80
C ARG E 252 5.48 -15.39 27.47
N THR E 253 4.78 -16.46 27.08
CA THR E 253 5.11 -17.78 27.62
C THR E 253 6.53 -18.20 27.24
N LEU E 254 6.89 -18.04 25.96
CA LEU E 254 8.24 -18.40 25.54
C LEU E 254 9.29 -17.54 26.21
N ALA E 255 9.00 -16.25 26.39
CA ALA E 255 9.95 -15.37 27.04
C ALA E 255 10.19 -15.78 28.48
N GLN E 256 9.12 -16.13 29.20
CA GLN E 256 9.30 -16.59 30.57
C GLN E 256 10.13 -17.87 30.61
N GLN E 257 9.88 -18.79 29.68
CA GLN E 257 10.66 -20.02 29.64
C GLN E 257 12.14 -19.71 29.39
N LEU E 258 12.43 -18.81 28.46
CA LEU E 258 13.82 -18.47 28.16
C LEU E 258 14.49 -17.78 29.34
N ILE E 259 13.77 -16.92 30.05
CA ILE E 259 14.34 -16.26 31.22
C ILE E 259 14.66 -17.27 32.32
N ASP E 260 13.72 -18.18 32.60
CA ASP E 260 13.88 -19.10 33.71
C ASP E 260 14.91 -20.19 33.42
N PHE E 261 14.85 -20.79 32.24
CA PHE E 261 15.60 -22.01 31.98
C PHE E 261 16.75 -21.76 31.01
N GLY E 262 16.56 -20.85 30.06
CA GLY E 262 17.50 -20.63 29.00
C GLY E 262 17.15 -21.29 27.69
N GLU E 263 16.19 -22.21 27.67
CA GLU E 263 15.75 -22.84 26.44
C GLU E 263 14.30 -23.27 26.61
N ILE E 264 13.67 -23.61 25.49
CA ILE E 264 12.26 -23.95 25.49
C ILE E 264 12.08 -25.43 25.81
N LYS E 265 11.08 -25.71 26.65
CA LYS E 265 10.67 -27.07 26.98
C LYS E 265 9.36 -27.34 26.25
N ARG E 266 9.43 -28.14 25.19
CA ARG E 266 8.29 -28.38 24.31
C ARG E 266 7.62 -29.69 24.70
N GLY E 267 6.29 -29.67 24.80
CA GLY E 267 5.52 -30.87 25.06
C GLY E 267 4.85 -31.40 23.80
N LEU E 268 4.71 -32.72 23.73
CA LEU E 268 4.08 -33.36 22.58
C LEU E 268 3.07 -34.41 23.04
N LEU E 269 2.12 -34.71 22.16
CA LEU E 269 1.04 -35.64 22.45
C LEU E 269 1.37 -37.08 22.09
N GLY E 270 2.11 -37.30 21.01
CA GLY E 270 2.37 -38.65 20.53
C GLY E 270 1.36 -39.08 19.49
N ILE E 271 0.88 -38.13 18.71
CA ILE E 271 -0.16 -38.37 17.70
C ILE E 271 0.33 -37.81 16.37
N LYS E 272 0.20 -38.60 15.31
CA LYS E 272 0.50 -38.15 13.96
C LYS E 272 -0.81 -38.09 13.18
N GLY E 273 -1.09 -36.92 12.59
CA GLY E 273 -2.36 -36.72 11.91
C GLY E 273 -2.29 -35.59 10.92
N THR E 274 -3.41 -35.35 10.25
CA THR E 274 -3.53 -34.34 9.22
C THR E 274 -4.76 -33.46 9.47
N GLU E 275 -4.88 -32.39 8.69
CA GLU E 275 -5.97 -31.43 8.84
C GLU E 275 -7.29 -32.03 8.38
N MET E 276 -8.36 -31.71 9.09
CA MET E 276 -9.70 -32.09 8.66
C MET E 276 -10.19 -31.15 7.56
N SER E 277 -10.90 -31.71 6.58
CA SER E 277 -11.49 -30.95 5.50
C SER E 277 -12.93 -31.40 5.31
N ALA E 278 -13.62 -30.72 4.38
CA ALA E 278 -14.98 -31.10 4.02
C ALA E 278 -15.03 -32.35 3.17
N ASP E 279 -13.89 -32.78 2.61
CA ASP E 279 -13.83 -33.98 1.78
C ASP E 279 -13.69 -35.24 2.61
N ILE E 280 -12.77 -35.23 3.59
CA ILE E 280 -12.61 -36.39 4.47
C ILE E 280 -13.89 -36.63 5.26
N ALA E 281 -14.50 -35.55 5.77
CA ALA E 281 -15.75 -35.68 6.51
C ALA E 281 -16.88 -36.20 5.64
N LYS E 282 -16.88 -35.89 4.35
CA LYS E 282 -17.88 -36.40 3.42
C LYS E 282 -17.67 -37.87 3.09
N ALA E 283 -16.52 -38.44 3.46
CA ALA E 283 -16.25 -39.85 3.25
C ALA E 283 -16.54 -40.70 4.49
N PHE E 284 -16.45 -40.12 5.68
CA PHE E 284 -16.79 -40.81 6.91
C PHE E 284 -18.18 -40.46 7.41
N ASN E 285 -18.95 -39.68 6.64
CA ASN E 285 -20.30 -39.26 7.01
C ASN E 285 -20.28 -38.49 8.33
N LEU E 286 -19.53 -37.39 8.34
CA LEU E 286 -19.36 -36.56 9.52
C LEU E 286 -19.88 -35.15 9.24
N ASP E 287 -20.23 -34.45 10.32
CA ASP E 287 -20.76 -33.09 10.24
C ASP E 287 -19.69 -32.02 10.26
N VAL E 288 -18.70 -32.13 11.14
CA VAL E 288 -17.69 -31.10 11.30
C VAL E 288 -16.76 -31.12 10.10
N GLN E 289 -16.06 -30.00 9.87
CA GLN E 289 -15.09 -29.91 8.78
C GLN E 289 -13.82 -29.20 9.19
N ARG E 290 -13.67 -28.85 10.47
CA ARG E 290 -12.47 -28.19 10.96
C ARG E 290 -11.99 -28.89 12.23
N GLY E 291 -10.70 -29.13 12.30
CA GLY E 291 -10.12 -29.82 13.44
C GLY E 291 -8.94 -30.65 13.00
N ALA E 292 -8.70 -31.74 13.73
CA ALA E 292 -7.58 -32.63 13.49
C ALA E 292 -8.06 -34.04 13.27
N PHE E 293 -7.53 -34.70 12.25
CA PHE E 293 -7.80 -36.11 11.99
C PHE E 293 -6.54 -36.88 12.36
N VAL E 294 -6.66 -37.83 13.28
CA VAL E 294 -5.50 -38.56 13.76
C VAL E 294 -5.38 -39.89 13.04
N SER E 295 -4.19 -40.16 12.51
CA SER E 295 -3.95 -41.36 11.73
C SER E 295 -3.07 -42.38 12.41
N GLU E 296 -2.11 -41.95 13.23
CA GLU E 296 -1.25 -42.89 13.94
C GLU E 296 -1.06 -42.44 15.37
N VAL E 297 -1.07 -43.40 16.29
CA VAL E 297 -0.79 -43.18 17.70
C VAL E 297 0.53 -43.86 18.02
N LEU E 298 1.56 -43.05 18.29
CA LEU E 298 2.88 -43.60 18.56
C LEU E 298 2.85 -44.43 19.84
N PRO E 299 3.37 -45.65 19.83
CA PRO E 299 3.29 -46.50 21.04
C PRO E 299 4.09 -45.91 22.19
N GLY E 300 3.61 -46.14 23.40
CA GLY E 300 4.29 -45.71 24.61
C GLY E 300 4.01 -44.28 25.04
N SER E 301 3.30 -43.49 24.23
CA SER E 301 3.02 -42.12 24.56
C SER E 301 1.91 -42.01 25.60
N GLY E 302 1.75 -40.82 26.15
CA GLY E 302 0.66 -40.59 27.08
C GLY E 302 -0.70 -40.69 26.42
N SER E 303 -0.80 -40.26 25.16
CA SER E 303 -2.06 -40.36 24.45
C SER E 303 -2.48 -41.81 24.26
N ALA E 304 -1.53 -42.69 23.93
CA ALA E 304 -1.83 -44.10 23.81
C ALA E 304 -2.32 -44.67 25.14
N LYS E 305 -1.70 -44.24 26.25
CA LYS E 305 -2.16 -44.66 27.56
C LYS E 305 -3.56 -44.12 27.85
N ALA E 306 -3.90 -42.97 27.28
CA ALA E 306 -5.24 -42.41 27.44
C ALA E 306 -6.27 -43.14 26.59
N GLY E 307 -5.84 -43.89 25.58
CA GLY E 307 -6.73 -44.66 24.74
C GLY E 307 -7.07 -44.05 23.39
N VAL E 308 -6.43 -42.94 23.01
CA VAL E 308 -6.70 -42.33 21.72
C VAL E 308 -6.22 -43.26 20.61
N LYS E 309 -7.12 -43.61 19.69
CA LYS E 309 -6.81 -44.51 18.60
C LYS E 309 -6.78 -43.76 17.28
N ALA E 310 -6.41 -44.49 16.22
CA ALA E 310 -6.38 -43.92 14.89
C ALA E 310 -7.79 -43.71 14.36
N GLY E 311 -7.93 -42.71 13.49
CA GLY E 311 -9.21 -42.38 12.91
C GLY E 311 -10.08 -41.46 13.74
N ASP E 312 -9.58 -40.97 14.86
CA ASP E 312 -10.36 -40.09 15.71
C ASP E 312 -10.26 -38.64 15.23
N ILE E 313 -11.26 -37.84 15.61
CA ILE E 313 -11.30 -36.42 15.28
C ILE E 313 -11.13 -35.65 16.58
N ILE E 314 -10.16 -34.74 16.62
CA ILE E 314 -9.97 -33.85 17.75
C ILE E 314 -10.74 -32.58 17.50
N THR E 315 -11.64 -32.23 18.43
CA THR E 315 -12.57 -31.12 18.27
C THR E 315 -12.22 -29.91 19.11
N SER E 316 -12.03 -30.08 20.42
CA SER E 316 -11.76 -28.98 21.31
C SER E 316 -10.63 -29.34 22.27
N LEU E 317 -9.81 -28.34 22.58
CA LEU E 317 -8.74 -28.45 23.56
C LEU E 317 -9.05 -27.50 24.72
N ASN E 318 -9.17 -28.05 25.92
CA ASN E 318 -9.56 -27.29 27.12
C ASN E 318 -10.91 -26.60 26.92
N GLY E 319 -11.78 -27.19 26.12
CA GLY E 319 -13.10 -26.65 25.86
C GLY E 319 -13.15 -25.57 24.80
N LYS E 320 -12.02 -25.22 24.17
CA LYS E 320 -11.99 -24.16 23.17
C LYS E 320 -11.90 -24.76 21.78
N PRO E 321 -12.71 -24.30 20.83
CA PRO E 321 -12.71 -24.92 19.50
C PRO E 321 -11.39 -24.78 18.78
N LEU E 322 -11.03 -25.83 18.03
CA LEU E 322 -9.84 -25.85 17.20
C LEU E 322 -10.23 -25.65 15.74
N ASN E 323 -9.60 -24.68 15.08
CA ASN E 323 -9.90 -24.37 13.70
C ASN E 323 -8.98 -25.08 12.70
N SER E 324 -7.94 -25.75 13.18
CA SER E 324 -6.97 -26.36 12.28
C SER E 324 -6.06 -27.28 13.07
N PHE E 325 -5.30 -28.10 12.34
CA PHE E 325 -4.26 -28.93 12.94
C PHE E 325 -3.10 -28.09 13.47
N ALA E 326 -2.75 -27.01 12.76
CA ALA E 326 -1.62 -26.18 13.16
C ALA E 326 -1.88 -25.44 14.46
N GLU E 327 -3.13 -25.02 14.71
CA GLU E 327 -3.45 -24.41 15.98
C GLU E 327 -3.25 -25.39 17.13
N LEU E 328 -3.69 -26.63 16.95
CA LEU E 328 -3.48 -27.65 17.98
C LEU E 328 -2.00 -27.92 18.19
N ARG E 329 -1.23 -27.99 17.10
CA ARG E 329 0.20 -28.22 17.21
C ARG E 329 0.87 -27.11 18.04
N SER E 330 0.60 -25.86 17.69
CA SER E 330 1.23 -24.76 18.41
C SER E 330 0.77 -24.71 19.87
N ARG E 331 -0.51 -24.94 20.11
CA ARG E 331 -1.04 -24.85 21.47
C ARG E 331 -0.45 -25.95 22.35
N ILE E 332 -0.28 -27.16 21.80
CA ILE E 332 0.35 -28.23 22.55
C ILE E 332 1.82 -27.93 22.78
N ALA E 333 2.50 -27.39 21.77
CA ALA E 333 3.93 -27.09 21.91
C ALA E 333 4.17 -26.04 22.99
N THR E 334 3.31 -25.03 23.07
CA THR E 334 3.46 -24.00 24.09
C THR E 334 3.30 -24.57 25.50
N THR E 335 2.36 -25.50 25.70
CA THR E 335 2.08 -26.01 27.04
C THR E 335 3.28 -26.78 27.59
N GLU E 336 3.53 -26.60 28.89
CA GLU E 336 4.71 -27.17 29.52
C GLU E 336 4.58 -28.69 29.66
N PRO E 337 5.69 -29.42 29.49
CA PRO E 337 5.64 -30.88 29.67
C PRO E 337 5.21 -31.26 31.07
N GLY E 338 4.49 -32.39 31.15
CA GLY E 338 3.95 -32.88 32.40
C GLY E 338 2.58 -32.35 32.73
N THR E 339 2.05 -31.41 31.95
CA THR E 339 0.72 -30.86 32.18
C THR E 339 -0.34 -31.77 31.58
N LYS E 340 -1.55 -31.68 32.11
CA LYS E 340 -2.68 -32.47 31.63
C LYS E 340 -3.60 -31.59 30.80
N VAL E 341 -4.15 -32.15 29.73
CA VAL E 341 -5.00 -31.45 28.78
C VAL E 341 -6.26 -32.24 28.52
N LYS E 342 -7.30 -31.53 28.09
CA LYS E 342 -8.60 -32.11 27.78
C LYS E 342 -8.78 -32.17 26.27
N LEU E 343 -9.16 -33.34 25.76
CA LEU E 343 -9.34 -33.57 24.33
C LEU E 343 -10.78 -33.94 24.07
N GLY E 344 -11.41 -33.24 23.12
CA GLY E 344 -12.74 -33.63 22.67
C GLY E 344 -12.68 -34.52 21.45
N LEU E 345 -12.78 -35.83 21.67
CA LEU E 345 -12.60 -36.81 20.61
C LEU E 345 -13.92 -37.14 19.93
N LEU E 346 -13.85 -37.46 18.65
CA LEU E 346 -15.02 -37.82 17.86
C LEU E 346 -14.69 -39.08 17.08
N ARG E 347 -14.96 -40.24 17.69
CA ARG E 347 -14.62 -41.52 17.07
C ARG E 347 -15.89 -42.28 16.71
N ASN E 348 -15.98 -42.68 15.44
CA ASN E 348 -17.18 -43.35 14.90
C ASN E 348 -18.42 -42.51 15.14
N GLY E 349 -18.30 -41.19 14.97
CA GLY E 349 -19.39 -40.29 15.21
C GLY E 349 -19.80 -40.14 16.66
N LYS E 350 -19.05 -40.72 17.58
CA LYS E 350 -19.36 -40.70 19.00
C LYS E 350 -18.43 -39.74 19.72
N PRO E 351 -18.95 -38.83 20.53
CA PRO E 351 -18.09 -37.90 21.25
C PRO E 351 -17.56 -38.48 22.55
N LEU E 352 -16.34 -38.08 22.90
CA LEU E 352 -15.68 -38.52 24.11
C LEU E 352 -14.85 -37.39 24.68
N GLU E 353 -14.61 -37.46 25.98
CA GLU E 353 -13.70 -36.55 26.69
C GLU E 353 -12.51 -37.36 27.16
N VAL E 354 -11.30 -36.91 26.81
CA VAL E 354 -10.09 -37.67 27.08
C VAL E 354 -9.11 -36.79 27.83
N GLU E 355 -8.58 -37.29 28.93
CA GLU E 355 -7.52 -36.61 29.67
C GLU E 355 -6.18 -37.15 29.19
N VAL E 356 -5.26 -36.24 28.84
CA VAL E 356 -3.96 -36.61 28.34
C VAL E 356 -2.89 -35.94 29.19
N THR E 357 -1.82 -36.68 29.49
CA THR E 357 -0.66 -36.11 30.18
C THR E 357 0.46 -35.91 29.18
N LEU E 358 0.95 -34.68 29.08
CA LEU E 358 1.96 -34.35 28.07
C LEU E 358 3.31 -34.94 28.46
N ASP E 359 4.08 -35.31 27.44
CA ASP E 359 5.43 -35.82 27.61
C ASP E 359 6.45 -34.75 27.23
N THR E 360 7.72 -35.14 27.20
CA THR E 360 8.82 -34.25 26.82
C THR E 360 9.27 -34.56 25.40
N SER E 361 9.48 -33.50 24.63
CA SER E 361 9.92 -33.63 23.24
C SER E 361 11.39 -34.06 23.18
N PRO F 38 -16.06 -0.99 25.38
CA PRO F 38 -15.43 0.28 25.76
C PRO F 38 -14.61 0.89 24.63
N LEU F 39 -13.68 0.12 24.09
CA LEU F 39 -12.88 0.60 22.97
C LEU F 39 -13.70 0.59 21.68
N PRO F 40 -13.52 1.58 20.82
CA PRO F 40 -14.16 1.53 19.50
C PRO F 40 -13.61 0.37 18.67
N SER F 41 -14.49 -0.26 17.90
CA SER F 41 -14.08 -1.34 17.02
C SER F 41 -15.16 -1.58 15.97
N LEU F 42 -14.77 -2.25 14.89
CA LEU F 42 -15.71 -2.74 13.89
C LEU F 42 -16.15 -4.18 14.15
N ALA F 43 -15.66 -4.79 15.24
CA ALA F 43 -15.96 -6.19 15.51
C ALA F 43 -17.45 -6.48 15.75
N PRO F 44 -18.20 -5.69 16.52
CA PRO F 44 -19.62 -6.04 16.74
C PRO F 44 -20.45 -6.12 15.47
N MET F 45 -20.21 -5.24 14.49
CA MET F 45 -20.97 -5.31 13.24
C MET F 45 -20.40 -6.34 12.27
N LEU F 46 -19.09 -6.61 12.32
CA LEU F 46 -18.52 -7.65 11.47
C LEU F 46 -18.89 -9.05 11.96
N GLU F 47 -19.26 -9.20 13.23
CA GLU F 47 -19.59 -10.52 13.74
C GLU F 47 -20.86 -11.07 13.09
N LYS F 48 -21.73 -10.18 12.61
CA LYS F 48 -23.00 -10.60 12.02
C LYS F 48 -22.99 -10.67 10.50
N VAL F 49 -22.01 -10.05 9.85
CA VAL F 49 -22.02 -9.85 8.41
C VAL F 49 -21.10 -10.83 7.69
N LEU F 50 -20.04 -11.28 8.34
CA LEU F 50 -19.04 -12.12 7.69
C LEU F 50 -19.56 -13.45 7.16
N PRO F 51 -20.56 -14.12 7.76
CA PRO F 51 -21.05 -15.37 7.16
C PRO F 51 -21.68 -15.22 5.78
N ALA F 52 -22.05 -14.02 5.35
CA ALA F 52 -22.68 -13.84 4.05
C ALA F 52 -21.69 -13.76 2.90
N VAL F 53 -20.40 -13.55 3.17
CA VAL F 53 -19.38 -13.44 2.13
C VAL F 53 -18.71 -14.79 2.00
N VAL F 54 -18.69 -15.33 0.78
CA VAL F 54 -18.26 -16.71 0.54
C VAL F 54 -17.12 -16.70 -0.47
N SER F 55 -16.44 -17.84 -0.54
CA SER F 55 -15.34 -18.04 -1.49
C SER F 55 -15.80 -18.93 -2.64
N VAL F 56 -15.39 -18.56 -3.85
CA VAL F 56 -15.85 -19.20 -5.08
C VAL F 56 -14.65 -19.85 -5.74
N ARG F 57 -14.73 -21.16 -5.99
CA ARG F 57 -13.64 -21.91 -6.59
C ARG F 57 -14.09 -22.45 -7.94
N VAL F 58 -13.31 -22.20 -8.98
CA VAL F 58 -13.68 -22.50 -10.35
C VAL F 58 -12.66 -23.47 -10.93
N GLU F 59 -13.13 -24.57 -11.50
CA GLU F 59 -12.29 -25.53 -12.18
C GLU F 59 -12.68 -25.55 -13.66
N GLY F 60 -11.71 -25.31 -14.53
CA GLY F 60 -12.03 -25.23 -15.95
C GLY F 60 -10.91 -25.69 -16.85
N THR F 61 -11.08 -25.52 -18.15
CA THR F 61 -10.06 -25.91 -19.12
C THR F 61 -10.11 -25.01 -20.35
N GLN F 86 -4.81 -26.92 -21.41
CA GLN F 86 -4.36 -26.96 -20.03
C GLN F 86 -5.43 -26.42 -19.09
N PRO F 87 -5.87 -27.25 -18.15
CA PRO F 87 -6.91 -26.80 -17.22
C PRO F 87 -6.41 -25.71 -16.29
N PHE F 88 -7.36 -24.92 -15.77
CA PHE F 88 -7.04 -23.87 -14.83
C PHE F 88 -7.90 -24.02 -13.59
N GLU F 89 -7.43 -23.45 -12.49
CA GLU F 89 -8.18 -23.33 -11.24
C GLU F 89 -8.16 -21.86 -10.82
N GLY F 90 -9.34 -21.29 -10.65
CA GLY F 90 -9.46 -19.90 -10.27
C GLY F 90 -10.19 -19.68 -8.95
N LEU F 91 -9.96 -18.52 -8.34
CA LEU F 91 -10.49 -18.21 -7.02
C LEU F 91 -11.08 -16.81 -7.01
N GLY F 92 -12.18 -16.64 -6.30
CA GLY F 92 -12.79 -15.35 -6.12
C GLY F 92 -13.68 -15.36 -4.90
N SER F 93 -14.50 -14.32 -4.76
CA SER F 93 -15.50 -14.28 -3.69
C SER F 93 -16.87 -13.99 -4.25
N GLY F 94 -17.84 -13.96 -3.34
CA GLY F 94 -19.20 -13.62 -3.70
C GLY F 94 -19.97 -13.28 -2.45
N VAL F 95 -21.18 -12.75 -2.66
CA VAL F 95 -22.05 -12.32 -1.58
C VAL F 95 -23.38 -13.05 -1.72
N ILE F 96 -23.88 -13.58 -0.61
CA ILE F 96 -25.19 -14.21 -0.60
C ILE F 96 -26.26 -13.13 -0.50
N ILE F 97 -27.21 -13.14 -1.42
CA ILE F 97 -28.26 -12.12 -1.44
C ILE F 97 -29.63 -12.72 -1.16
N ASN F 98 -29.79 -14.03 -1.34
CA ASN F 98 -31.02 -14.72 -1.01
C ASN F 98 -30.68 -16.01 -0.27
N ALA F 99 -30.98 -16.05 1.02
CA ALA F 99 -30.60 -17.19 1.85
C ALA F 99 -31.49 -18.40 1.62
N SER F 100 -32.77 -18.18 1.30
CA SER F 100 -33.68 -19.29 1.10
C SER F 100 -33.47 -19.97 -0.25
N LYS F 101 -33.11 -19.21 -1.28
CA LYS F 101 -32.88 -19.77 -2.60
C LYS F 101 -31.41 -19.98 -2.91
N GLY F 102 -30.50 -19.45 -2.09
CA GLY F 102 -29.08 -19.61 -2.32
C GLY F 102 -28.52 -18.85 -3.51
N TYR F 103 -28.96 -17.61 -3.71
CA TYR F 103 -28.44 -16.80 -4.81
C TYR F 103 -27.18 -16.06 -4.38
N VAL F 104 -26.17 -16.06 -5.24
CA VAL F 104 -24.84 -15.52 -4.93
C VAL F 104 -24.42 -14.60 -6.06
N LEU F 105 -24.03 -13.38 -5.72
CA LEU F 105 -23.56 -12.39 -6.69
C LEU F 105 -22.04 -12.40 -6.76
N THR F 106 -21.51 -12.46 -7.98
CA THR F 106 -20.06 -12.49 -8.15
C THR F 106 -19.70 -11.78 -9.45
N ASN F 107 -18.41 -11.75 -9.76
CA ASN F 107 -17.90 -11.15 -10.98
C ASN F 107 -18.02 -12.13 -12.16
N ASN F 108 -18.06 -11.56 -13.36
CA ASN F 108 -18.20 -12.37 -14.56
C ASN F 108 -16.87 -13.01 -14.98
N HIS F 109 -15.75 -12.33 -14.72
CA HIS F 109 -14.47 -12.88 -15.15
C HIS F 109 -13.91 -13.90 -14.16
N VAL F 110 -14.54 -14.05 -12.99
CA VAL F 110 -14.22 -15.17 -12.12
C VAL F 110 -14.83 -16.46 -12.67
N ILE F 111 -16.05 -16.37 -13.21
CA ILE F 111 -16.80 -17.52 -13.68
C ILE F 111 -16.65 -17.75 -15.18
N ASN F 112 -16.00 -16.83 -15.91
CA ASN F 112 -16.02 -16.73 -17.37
C ASN F 112 -16.01 -18.05 -18.13
N GLN F 113 -15.00 -18.89 -17.91
CA GLN F 113 -14.88 -20.15 -18.63
C GLN F 113 -14.87 -21.36 -17.70
N ALA F 114 -15.67 -21.32 -16.64
CA ALA F 114 -15.69 -22.40 -15.66
C ALA F 114 -16.37 -23.64 -16.24
N GLN F 115 -15.87 -24.80 -15.85
CA GLN F 115 -16.56 -26.06 -16.08
C GLN F 115 -17.24 -26.59 -14.83
N LYS F 116 -16.74 -26.23 -13.65
CA LYS F 116 -17.36 -26.61 -12.38
C LYS F 116 -17.11 -25.51 -11.36
N ILE F 117 -18.12 -25.24 -10.52
CA ILE F 117 -18.08 -24.15 -9.57
C ILE F 117 -18.45 -24.66 -8.18
N SER F 118 -17.61 -24.36 -7.20
CA SER F 118 -17.83 -24.74 -5.82
C SER F 118 -17.84 -23.51 -4.93
N ILE F 119 -18.60 -23.59 -3.83
CA ILE F 119 -18.80 -22.49 -2.91
C ILE F 119 -18.36 -22.95 -1.52
N GLN F 120 -17.60 -22.09 -0.82
CA GLN F 120 -17.15 -22.38 0.53
C GLN F 120 -17.55 -21.26 1.47
N LEU F 121 -18.15 -21.63 2.60
CA LEU F 121 -18.49 -20.71 3.67
C LEU F 121 -17.31 -20.53 4.62
N ASN F 122 -17.40 -19.52 5.49
CA ASN F 122 -16.28 -19.24 6.38
C ASN F 122 -16.25 -20.18 7.59
N ASP F 123 -17.25 -21.03 7.75
CA ASP F 123 -17.23 -22.08 8.75
C ASP F 123 -16.76 -23.42 8.20
N GLY F 124 -16.52 -23.53 6.89
CA GLY F 124 -15.93 -24.70 6.31
C GLY F 124 -16.83 -25.53 5.41
N ARG F 125 -18.14 -25.28 5.41
CA ARG F 125 -19.06 -26.09 4.60
C ARG F 125 -18.85 -25.81 3.11
N GLU F 126 -19.21 -26.79 2.27
CA GLU F 126 -18.92 -26.76 0.85
C GLU F 126 -20.15 -27.14 0.04
N PHE F 127 -20.37 -26.43 -1.06
CA PHE F 127 -21.54 -26.62 -1.92
C PHE F 127 -21.12 -26.59 -3.38
N ASP F 128 -21.97 -27.17 -4.23
CA ASP F 128 -21.84 -27.05 -5.67
C ASP F 128 -22.78 -25.96 -6.18
N ALA F 129 -22.37 -25.23 -7.21
CA ALA F 129 -23.13 -24.07 -7.69
C ALA F 129 -23.35 -24.15 -9.19
N LYS F 130 -24.48 -23.59 -9.64
CA LYS F 130 -24.76 -23.43 -11.07
C LYS F 130 -24.92 -21.96 -11.43
N LEU F 131 -24.61 -21.62 -12.67
CA LEU F 131 -24.76 -20.26 -13.16
C LEU F 131 -26.22 -20.04 -13.59
N ILE F 132 -26.88 -19.05 -13.01
CA ILE F 132 -28.23 -18.70 -13.41
C ILE F 132 -28.20 -17.80 -14.63
N GLY F 133 -27.29 -16.84 -14.65
CA GLY F 133 -27.10 -15.95 -15.78
C GLY F 133 -25.87 -15.11 -15.54
N SER F 134 -25.56 -14.26 -16.51
CA SER F 134 -24.43 -13.38 -16.41
C SER F 134 -24.61 -12.19 -17.36
N ASP F 135 -23.76 -11.19 -17.19
CA ASP F 135 -23.76 -9.98 -18.00
C ASP F 135 -22.32 -9.57 -18.26
N ASP F 136 -21.90 -9.66 -19.53
CA ASP F 136 -20.50 -9.39 -19.86
C ASP F 136 -20.18 -7.90 -19.80
N GLN F 137 -21.12 -7.05 -20.23
CA GLN F 137 -20.84 -5.62 -20.32
C GLN F 137 -20.68 -4.99 -18.94
N SER F 138 -21.51 -5.39 -17.98
CA SER F 138 -21.41 -4.85 -16.63
C SER F 138 -20.53 -5.69 -15.71
N ASP F 139 -20.14 -6.89 -16.14
CA ASP F 139 -19.27 -7.78 -15.36
C ASP F 139 -19.93 -8.22 -14.05
N ILE F 140 -21.14 -8.78 -14.17
CA ILE F 140 -21.91 -9.27 -13.04
C ILE F 140 -22.43 -10.65 -13.39
N ALA F 141 -22.32 -11.60 -12.47
CA ALA F 141 -22.83 -12.95 -12.66
C ALA F 141 -23.57 -13.41 -11.42
N LEU F 142 -24.51 -14.34 -11.61
CA LEU F 142 -25.36 -14.84 -10.54
C LEU F 142 -25.29 -16.36 -10.50
N LEU F 143 -25.08 -16.91 -9.31
CA LEU F 143 -25.00 -18.35 -9.09
C LEU F 143 -26.10 -18.79 -8.15
N GLN F 144 -26.41 -20.07 -8.20
CA GLN F 144 -27.37 -20.70 -7.28
C GLN F 144 -26.72 -21.91 -6.63
N ILE F 145 -26.93 -22.05 -5.32
CA ILE F 145 -26.38 -23.14 -4.53
C ILE F 145 -27.37 -24.29 -4.51
N GLN F 146 -26.87 -25.51 -4.65
CA GLN F 146 -27.70 -26.71 -4.60
C GLN F 146 -27.89 -27.13 -3.15
N ASN F 147 -29.15 -27.30 -2.76
CA ASN F 147 -29.51 -27.78 -1.43
C ASN F 147 -28.94 -26.85 -0.35
N PRO F 148 -29.39 -25.60 -0.26
CA PRO F 148 -28.86 -24.71 0.77
C PRO F 148 -29.54 -24.93 2.11
N SER F 149 -28.77 -24.67 3.18
CA SER F 149 -29.25 -24.88 4.53
C SER F 149 -28.48 -23.97 5.49
N LYS F 150 -29.22 -23.24 6.33
CA LYS F 150 -28.65 -22.39 7.38
C LYS F 150 -27.69 -21.35 6.81
N LEU F 151 -28.24 -20.45 6.00
CA LEU F 151 -27.46 -19.42 5.31
C LEU F 151 -27.80 -18.04 5.87
N THR F 152 -26.87 -17.11 5.65
CA THR F 152 -27.02 -15.72 6.05
C THR F 152 -26.91 -14.83 4.82
N GLN F 153 -27.78 -13.83 4.71
CA GLN F 153 -27.80 -12.94 3.56
C GLN F 153 -27.47 -11.50 3.96
N ILE F 154 -27.05 -10.73 2.97
CA ILE F 154 -26.62 -9.35 3.17
C ILE F 154 -27.80 -8.41 2.93
N ALA F 155 -27.74 -7.23 3.55
CA ALA F 155 -28.65 -6.13 3.27
C ALA F 155 -27.97 -5.12 2.37
N ILE F 156 -28.73 -4.56 1.44
CA ILE F 156 -28.20 -3.70 0.39
C ILE F 156 -28.56 -2.25 0.71
N ALA F 157 -27.58 -1.37 0.62
CA ALA F 157 -27.75 0.05 0.90
C ALA F 157 -27.96 0.84 -0.38
N ASP F 158 -28.30 2.11 -0.21
CA ASP F 158 -28.52 3.03 -1.33
C ASP F 158 -27.20 3.72 -1.65
N SER F 159 -26.62 3.39 -2.81
CA SER F 159 -25.32 3.94 -3.18
C SER F 159 -25.43 5.31 -3.84
N ASP F 160 -26.64 5.83 -4.04
CA ASP F 160 -26.83 7.17 -4.54
C ASP F 160 -26.65 8.24 -3.46
N LYS F 161 -26.54 7.83 -2.19
CA LYS F 161 -26.34 8.75 -1.09
C LYS F 161 -24.89 8.77 -0.60
N LEU F 162 -23.97 8.16 -1.34
CA LEU F 162 -22.58 8.14 -0.95
C LEU F 162 -21.92 9.50 -1.18
N ARG F 163 -20.85 9.74 -0.43
CA ARG F 163 -20.08 10.98 -0.53
C ARG F 163 -18.61 10.65 -0.37
N VAL F 164 -17.77 11.53 -0.89
CA VAL F 164 -16.33 11.38 -0.72
C VAL F 164 -15.96 11.66 0.73
N GLY F 165 -15.33 10.70 1.38
CA GLY F 165 -14.99 10.78 2.78
C GLY F 165 -15.73 9.82 3.66
N ASP F 166 -16.62 9.00 3.10
CA ASP F 166 -17.31 7.98 3.87
C ASP F 166 -16.40 6.79 4.15
N PHE F 167 -16.61 6.14 5.27
CA PHE F 167 -15.78 5.00 5.68
C PHE F 167 -16.33 3.70 5.09
N ALA F 168 -15.42 2.84 4.63
CA ALA F 168 -15.78 1.61 3.94
C ALA F 168 -14.91 0.45 4.41
N VAL F 169 -15.47 -0.76 4.33
CA VAL F 169 -14.79 -2.00 4.68
C VAL F 169 -14.87 -2.95 3.50
N ALA F 170 -13.73 -3.51 3.10
CA ALA F 170 -13.65 -4.49 2.02
C ALA F 170 -13.47 -5.89 2.60
N VAL F 171 -14.35 -6.81 2.23
CA VAL F 171 -14.28 -8.19 2.70
C VAL F 171 -14.12 -9.11 1.50
N GLY F 172 -13.08 -9.93 1.54
CA GLY F 172 -12.77 -10.80 0.42
C GLY F 172 -11.85 -11.95 0.79
N ASN F 173 -11.17 -12.51 -0.20
CA ASN F 173 -10.33 -13.69 -0.01
C ASN F 173 -9.01 -13.47 -0.76
N PRO F 174 -8.12 -12.64 -0.22
CA PRO F 174 -6.87 -12.33 -0.91
C PRO F 174 -5.86 -13.46 -0.97
N PHE F 175 -5.35 -13.71 -2.18
CA PHE F 175 -4.27 -14.67 -2.44
C PHE F 175 -4.61 -16.07 -1.94
N GLY F 176 -5.89 -16.41 -1.86
CA GLY F 176 -6.27 -17.72 -1.38
C GLY F 176 -5.99 -17.98 0.08
N LEU F 177 -5.83 -16.94 0.90
CA LEU F 177 -5.54 -17.13 2.31
C LEU F 177 -6.78 -17.51 3.11
N GLY F 178 -7.92 -16.94 2.76
CA GLY F 178 -9.15 -17.07 3.52
C GLY F 178 -9.81 -15.72 3.65
N GLN F 179 -10.90 -15.69 4.40
CA GLN F 179 -11.69 -14.48 4.54
C GLN F 179 -10.92 -13.40 5.29
N THR F 180 -10.88 -12.19 4.71
CA THR F 180 -10.08 -11.10 5.21
C THR F 180 -10.84 -9.79 5.06
N ALA F 181 -10.72 -8.92 6.07
CA ALA F 181 -11.36 -7.61 6.10
C ALA F 181 -10.30 -6.51 6.13
N THR F 182 -10.49 -5.47 5.32
CA THR F 182 -9.63 -4.28 5.32
C THR F 182 -10.50 -3.03 5.35
N SER F 183 -9.88 -1.90 5.67
CA SER F 183 -10.63 -0.67 5.96
C SER F 183 -10.07 0.51 5.16
N GLY F 184 -10.95 1.47 4.87
CA GLY F 184 -10.53 2.66 4.15
C GLY F 184 -11.64 3.67 4.06
N ILE F 185 -11.49 4.61 3.13
CA ILE F 185 -12.51 5.62 2.85
C ILE F 185 -12.90 5.55 1.39
N VAL F 186 -14.00 6.23 1.06
CA VAL F 186 -14.42 6.42 -0.33
C VAL F 186 -13.61 7.56 -0.92
N SER F 187 -12.73 7.25 -1.86
CA SER F 187 -11.84 8.24 -2.45
C SER F 187 -12.51 9.06 -3.54
N ALA F 188 -13.35 8.43 -4.37
CA ALA F 188 -13.95 9.14 -5.51
C ALA F 188 -15.21 8.42 -5.95
N LEU F 189 -16.02 9.13 -6.73
CA LEU F 189 -17.28 8.61 -7.25
C LEU F 189 -17.36 8.83 -8.76
N GLY F 190 -18.09 7.94 -9.43
CA GLY F 190 -18.33 8.08 -10.86
C GLY F 190 -17.10 7.95 -11.73
N ARG F 191 -16.26 6.96 -11.49
CA ARG F 191 -15.00 6.82 -12.22
C ARG F 191 -15.19 5.91 -13.43
N SER F 192 -14.59 6.29 -14.55
CA SER F 192 -14.66 5.53 -15.78
C SER F 192 -13.38 5.77 -16.57
N GLY F 193 -13.41 5.40 -17.85
CA GLY F 193 -12.26 5.63 -18.71
C GLY F 193 -11.14 4.64 -18.56
N LEU F 194 -11.33 3.59 -17.77
CA LEU F 194 -10.30 2.58 -17.56
C LEU F 194 -10.31 1.50 -18.64
N ASN F 195 -11.30 1.53 -19.54
CA ASN F 195 -11.39 0.59 -20.66
C ASN F 195 -11.43 -0.86 -20.18
N LEU F 196 -12.14 -1.08 -19.08
CA LEU F 196 -12.34 -2.41 -18.52
C LEU F 196 -13.56 -3.11 -19.12
N GLU F 197 -14.72 -2.50 -19.02
CA GLU F 197 -15.95 -3.06 -19.54
C GLU F 197 -16.69 -2.01 -20.36
N GLY F 198 -17.86 -2.39 -20.86
CA GLY F 198 -18.67 -1.41 -21.58
C GLY F 198 -19.15 -0.29 -20.69
N LEU F 199 -19.62 -0.62 -19.49
CA LEU F 199 -20.23 0.35 -18.58
C LEU F 199 -19.35 0.49 -17.35
N GLU F 200 -19.02 1.74 -17.00
CA GLU F 200 -18.17 2.04 -15.86
C GLU F 200 -18.72 3.26 -15.13
N ASN F 201 -19.11 3.08 -13.87
CA ASN F 201 -19.52 4.17 -13.00
C ASN F 201 -18.96 3.94 -11.60
N PHE F 202 -17.68 3.60 -11.55
CA PHE F 202 -17.09 2.95 -10.39
C PHE F 202 -17.03 3.85 -9.17
N ILE F 203 -17.05 3.22 -7.99
CA ILE F 203 -16.63 3.82 -6.73
C ILE F 203 -15.13 3.57 -6.60
N GLN F 204 -14.38 4.60 -6.26
CA GLN F 204 -12.95 4.48 -6.03
C GLN F 204 -12.68 4.54 -4.53
N THR F 205 -12.00 3.51 -4.02
CA THR F 205 -11.71 3.36 -2.60
C THR F 205 -10.23 3.06 -2.41
N ASP F 206 -9.73 3.35 -1.22
CA ASP F 206 -8.33 3.08 -0.88
C ASP F 206 -8.15 2.00 0.18
N ALA F 207 -9.12 1.11 0.35
CA ALA F 207 -8.88 -0.11 1.10
C ALA F 207 -7.96 -1.03 0.31
N SER F 208 -7.19 -1.85 1.02
CA SER F 208 -6.27 -2.79 0.38
C SER F 208 -7.07 -3.81 -0.41
N ILE F 209 -6.92 -3.85 -1.72
CA ILE F 209 -7.68 -4.80 -2.58
C ILE F 209 -6.68 -5.48 -3.50
N ASN F 210 -6.62 -6.80 -3.46
CA ASN F 210 -5.60 -7.58 -4.19
C ASN F 210 -6.30 -8.66 -5.01
N ARG F 211 -5.55 -9.59 -5.58
CA ARG F 211 -6.11 -10.69 -6.42
C ARG F 211 -6.82 -11.73 -5.55
N GLY F 212 -8.07 -12.01 -5.84
CA GLY F 212 -8.95 -12.96 -5.11
C GLY F 212 -10.05 -12.21 -4.41
N ASN F 213 -10.00 -10.88 -4.43
CA ASN F 213 -10.99 -9.99 -3.79
C ASN F 213 -12.13 -9.68 -4.77
N ALA F 214 -12.01 -10.04 -6.04
CA ALA F 214 -13.03 -9.80 -7.07
C ALA F 214 -14.31 -10.57 -6.78
N GLY F 215 -15.44 -9.87 -6.81
CA GLY F 215 -16.73 -10.48 -6.48
C GLY F 215 -17.10 -10.23 -5.05
N GLY F 216 -16.15 -9.77 -4.22
CA GLY F 216 -16.38 -9.65 -2.80
C GLY F 216 -17.09 -8.36 -2.41
N ALA F 217 -17.20 -8.10 -1.12
CA ALA F 217 -18.09 -7.05 -0.63
C ALA F 217 -17.35 -5.77 -0.28
N LEU F 218 -17.99 -4.64 -0.58
CA LEU F 218 -17.63 -3.35 -0.02
C LEU F 218 -18.83 -2.84 0.77
N LEU F 219 -18.61 -2.58 2.06
CA LEU F 219 -19.66 -2.35 3.04
C LEU F 219 -19.44 -1.02 3.76
N ASN F 220 -20.52 -0.47 4.31
CA ASN F 220 -20.43 0.73 5.14
C ASN F 220 -20.35 0.32 6.61
N LEU F 221 -20.40 1.31 7.51
CA LEU F 221 -20.22 1.04 8.94
C LEU F 221 -21.44 0.38 9.58
N ASN F 222 -22.60 0.40 8.94
CA ASN F 222 -23.77 -0.32 9.43
C ASN F 222 -23.79 -1.77 9.00
N GLY F 223 -22.87 -2.19 8.14
CA GLY F 223 -22.84 -3.54 7.65
C GLY F 223 -23.65 -3.82 6.40
N GLU F 224 -24.01 -2.79 5.65
CA GLU F 224 -24.82 -2.95 4.44
C GLU F 224 -23.94 -2.86 3.20
N LEU F 225 -24.31 -3.62 2.18
CA LEU F 225 -23.52 -3.68 0.96
C LEU F 225 -23.65 -2.39 0.16
N ILE F 226 -22.52 -1.77 -0.15
CA ILE F 226 -22.50 -0.60 -1.02
C ILE F 226 -21.75 -0.85 -2.32
N GLY F 227 -21.03 -1.95 -2.46
CA GLY F 227 -20.36 -2.19 -3.72
C GLY F 227 -19.85 -3.61 -3.88
N ILE F 228 -19.55 -3.95 -5.14
CA ILE F 228 -18.93 -5.22 -5.49
C ILE F 228 -17.57 -4.91 -6.10
N ASN F 229 -16.51 -5.43 -5.48
CA ASN F 229 -15.15 -5.10 -5.92
C ASN F 229 -14.88 -5.65 -7.31
N THR F 230 -14.35 -4.80 -8.20
CA THR F 230 -14.33 -5.10 -9.63
C THR F 230 -12.99 -4.81 -10.31
N ALA F 231 -12.01 -4.13 -9.70
CA ALA F 231 -10.76 -3.79 -10.43
C ALA F 231 -9.73 -3.07 -9.56
N ILE F 232 -8.50 -2.87 -10.07
CA ILE F 232 -7.39 -2.16 -9.36
C ILE F 232 -6.40 -1.55 -10.35
N LEU F 233 -5.60 -0.57 -9.92
CA LEU F 233 -4.51 0.03 -10.73
C LEU F 233 -3.22 -0.15 -9.91
N ALA F 234 -2.09 -0.54 -10.52
CA ALA F 234 -0.80 -0.79 -9.81
C ALA F 234 0.37 -1.11 -10.75
N PRO F 235 1.54 -0.39 -10.82
CA PRO F 235 2.62 -0.83 -11.71
C PRO F 235 3.17 -2.21 -11.38
N GLY F 236 3.19 -2.61 -10.11
CA GLY F 236 3.82 -3.85 -9.72
C GLY F 236 2.88 -5.01 -9.41
N GLY F 237 1.59 -4.86 -9.70
CA GLY F 237 0.65 -5.94 -9.52
C GLY F 237 0.04 -6.05 -8.13
N GLY F 238 0.49 -5.26 -7.17
CA GLY F 238 -0.06 -5.29 -5.82
C GLY F 238 -0.66 -3.95 -5.48
N SER F 239 -1.57 -3.96 -4.50
CA SER F 239 -2.33 -2.77 -4.15
C SER F 239 -1.43 -1.59 -3.80
N VAL F 240 -1.76 -0.42 -4.36
CA VAL F 240 -1.17 0.85 -3.97
C VAL F 240 -2.22 1.82 -3.43
N GLY F 241 -3.43 1.34 -3.20
CA GLY F 241 -4.49 2.17 -2.68
C GLY F 241 -5.45 2.74 -3.71
N ILE F 242 -5.61 2.10 -4.85
CA ILE F 242 -6.53 2.55 -5.90
C ILE F 242 -7.36 1.35 -6.32
N GLY F 243 -8.56 1.19 -5.73
CA GLY F 243 -9.44 0.09 -6.06
C GLY F 243 -10.80 0.58 -6.52
N PHE F 244 -11.47 -0.25 -7.31
CA PHE F 244 -12.71 0.14 -7.98
C PHE F 244 -13.81 -0.87 -7.68
N ALA F 245 -15.03 -0.38 -7.53
CA ALA F 245 -16.17 -1.22 -7.21
C ALA F 245 -17.39 -0.80 -8.02
N ILE F 246 -18.20 -1.77 -8.40
CA ILE F 246 -19.51 -1.50 -9.00
C ILE F 246 -20.49 -1.11 -7.89
N PRO F 247 -21.19 0.01 -8.01
CA PRO F 247 -22.14 0.41 -6.96
C PRO F 247 -23.31 -0.57 -6.85
N SER F 248 -23.93 -0.58 -5.67
CA SER F 248 -24.87 -1.64 -5.32
C SER F 248 -26.21 -1.49 -6.04
N ASN F 249 -26.59 -0.28 -6.44
CA ASN F 249 -27.87 -0.10 -7.12
C ASN F 249 -27.89 -0.79 -8.47
N MET F 250 -26.83 -0.59 -9.27
CA MET F 250 -26.73 -1.24 -10.57
C MET F 250 -26.67 -2.76 -10.42
N ALA F 251 -25.90 -3.24 -9.45
CA ALA F 251 -25.78 -4.69 -9.24
C ALA F 251 -27.11 -5.30 -8.82
N ARG F 252 -27.84 -4.63 -7.94
CA ARG F 252 -29.15 -5.12 -7.52
C ARG F 252 -30.12 -5.17 -8.69
N THR F 253 -30.14 -4.11 -9.50
CA THR F 253 -31.05 -4.10 -10.66
C THR F 253 -30.72 -5.22 -11.64
N LEU F 254 -29.43 -5.42 -11.94
CA LEU F 254 -29.06 -6.46 -12.88
C LEU F 254 -29.34 -7.85 -12.33
N ALA F 255 -29.08 -8.07 -11.03
CA ALA F 255 -29.38 -9.36 -10.43
C ALA F 255 -30.87 -9.66 -10.47
N GLN F 256 -31.71 -8.66 -10.20
CA GLN F 256 -33.15 -8.87 -10.30
C GLN F 256 -33.55 -9.22 -11.73
N GLN F 257 -32.96 -8.56 -12.72
CA GLN F 257 -33.26 -8.90 -14.10
C GLN F 257 -32.86 -10.33 -14.43
N LEU F 258 -31.68 -10.75 -13.98
CA LEU F 258 -31.21 -12.11 -14.23
C LEU F 258 -32.10 -13.15 -13.55
N ILE F 259 -32.52 -12.87 -12.30
CA ILE F 259 -33.43 -13.80 -11.64
C ILE F 259 -34.76 -13.89 -12.37
N ASP F 260 -35.32 -12.76 -12.79
CA ASP F 260 -36.66 -12.75 -13.37
C ASP F 260 -36.70 -13.33 -14.77
N PHE F 261 -35.69 -13.05 -15.60
CA PHE F 261 -35.78 -13.41 -17.00
C PHE F 261 -34.64 -14.30 -17.46
N GLY F 262 -33.48 -14.17 -16.82
CA GLY F 262 -32.31 -14.93 -17.20
C GLY F 262 -31.34 -14.20 -18.11
N GLU F 263 -31.73 -13.04 -18.64
CA GLU F 263 -30.84 -12.23 -19.45
C GLU F 263 -31.15 -10.76 -19.21
N ILE F 264 -30.18 -9.91 -19.54
CA ILE F 264 -30.32 -8.48 -19.28
C ILE F 264 -31.16 -7.84 -20.38
N LYS F 265 -31.94 -6.82 -19.98
CA LYS F 265 -32.77 -6.03 -20.88
C LYS F 265 -32.13 -4.65 -20.99
N ARG F 266 -31.48 -4.39 -22.12
CA ARG F 266 -30.69 -3.17 -22.28
C ARG F 266 -31.45 -2.15 -23.12
N GLY F 267 -31.50 -0.92 -22.64
CA GLY F 267 -32.16 0.17 -23.34
C GLY F 267 -31.14 1.13 -23.93
N LEU F 268 -31.51 1.76 -25.04
CA LEU F 268 -30.65 2.72 -25.70
C LEU F 268 -31.45 3.98 -26.02
N LEU F 269 -30.72 5.04 -26.36
CA LEU F 269 -31.33 6.33 -26.65
C LEU F 269 -31.41 6.65 -28.14
N GLY F 270 -30.53 6.06 -28.94
CA GLY F 270 -30.38 6.48 -30.33
C GLY F 270 -29.46 7.66 -30.51
N ILE F 271 -28.70 8.03 -29.49
CA ILE F 271 -27.75 9.14 -29.53
C ILE F 271 -26.34 8.57 -29.61
N LYS F 272 -25.57 9.04 -30.58
CA LYS F 272 -24.13 8.79 -30.61
C LYS F 272 -23.43 10.13 -30.40
N GLY F 273 -22.42 10.13 -29.54
CA GLY F 273 -21.79 11.38 -29.21
C GLY F 273 -20.46 11.19 -28.51
N THR F 274 -19.86 12.31 -28.16
CA THR F 274 -18.53 12.36 -27.56
C THR F 274 -18.63 12.97 -26.17
N GLU F 275 -17.50 12.96 -25.46
CA GLU F 275 -17.45 13.47 -24.10
C GLU F 275 -17.18 14.98 -24.12
N MET F 276 -18.04 15.74 -23.47
CA MET F 276 -17.88 17.19 -23.43
C MET F 276 -16.66 17.58 -22.61
N SER F 277 -15.90 18.55 -23.11
CA SER F 277 -14.72 19.06 -22.42
C SER F 277 -14.83 20.57 -22.31
N ALA F 278 -13.81 21.17 -21.71
CA ALA F 278 -13.73 22.63 -21.63
C ALA F 278 -13.27 23.25 -22.94
N ASP F 279 -12.79 22.44 -23.89
CA ASP F 279 -12.38 22.92 -25.20
C ASP F 279 -13.55 23.08 -26.15
N ILE F 280 -14.46 22.09 -26.19
CA ILE F 280 -15.65 22.19 -27.03
C ILE F 280 -16.56 23.30 -26.54
N ALA F 281 -16.64 23.53 -25.23
CA ALA F 281 -17.39 24.64 -24.69
C ALA F 281 -16.77 25.99 -25.03
N LYS F 282 -15.53 26.01 -25.50
CA LYS F 282 -14.86 27.23 -25.92
C LYS F 282 -15.00 27.49 -27.42
N ALA F 283 -15.36 26.46 -28.20
CA ALA F 283 -15.54 26.61 -29.63
C ALA F 283 -16.98 26.88 -30.04
N PHE F 284 -17.94 26.67 -29.13
CA PHE F 284 -19.32 27.06 -29.36
C PHE F 284 -19.75 28.20 -28.43
N ASN F 285 -18.81 28.73 -27.64
CA ASN F 285 -19.08 29.82 -26.71
C ASN F 285 -20.18 29.44 -25.73
N LEU F 286 -19.92 28.36 -24.98
CA LEU F 286 -20.85 27.84 -23.99
C LEU F 286 -20.27 28.06 -22.59
N ASP F 287 -21.06 27.70 -21.58
CA ASP F 287 -20.68 27.88 -20.18
C ASP F 287 -20.38 26.59 -19.45
N VAL F 288 -21.23 25.58 -19.58
CA VAL F 288 -21.06 24.33 -18.84
C VAL F 288 -19.98 23.50 -19.49
N GLN F 289 -19.09 22.91 -18.67
CA GLN F 289 -17.95 22.16 -19.17
C GLN F 289 -18.06 20.66 -18.93
N ARG F 290 -19.17 20.17 -18.40
CA ARG F 290 -19.36 18.74 -18.18
C ARG F 290 -20.75 18.33 -18.64
N GLY F 291 -20.83 17.18 -19.28
CA GLY F 291 -22.08 16.70 -19.85
C GLY F 291 -21.80 15.74 -21.00
N ALA F 292 -22.67 15.79 -21.99
CA ALA F 292 -22.53 14.95 -23.18
C ALA F 292 -22.85 15.78 -24.42
N PHE F 293 -22.08 15.55 -25.49
CA PHE F 293 -22.24 16.26 -26.76
C PHE F 293 -22.80 15.27 -27.79
N VAL F 294 -24.01 15.52 -28.27
CA VAL F 294 -24.65 14.61 -29.21
C VAL F 294 -24.27 15.02 -30.63
N SER F 295 -23.69 14.07 -31.38
CA SER F 295 -23.29 14.31 -32.76
C SER F 295 -24.07 13.50 -33.78
N GLU F 296 -24.82 12.49 -33.34
CA GLU F 296 -25.64 11.68 -34.24
C GLU F 296 -26.95 11.33 -33.55
N VAL F 297 -28.06 11.61 -34.24
CA VAL F 297 -29.38 11.17 -33.82
C VAL F 297 -29.92 10.26 -34.92
N LEU F 298 -29.92 8.96 -34.65
CA LEU F 298 -30.25 7.98 -35.68
C LEU F 298 -31.71 8.10 -36.07
N PRO F 299 -32.06 7.85 -37.34
CA PRO F 299 -33.46 8.03 -37.76
C PRO F 299 -34.38 6.99 -37.15
N GLY F 300 -35.61 7.42 -36.86
CA GLY F 300 -36.66 6.54 -36.39
C GLY F 300 -36.63 6.22 -34.91
N SER F 301 -35.63 6.69 -34.17
CA SER F 301 -35.53 6.38 -32.76
C SER F 301 -36.56 7.17 -31.96
N GLY F 302 -36.70 6.80 -30.69
CA GLY F 302 -37.58 7.55 -29.81
C GLY F 302 -37.09 8.96 -29.57
N SER F 303 -35.77 9.15 -29.57
CA SER F 303 -35.20 10.48 -29.40
C SER F 303 -35.51 11.37 -30.59
N ALA F 304 -35.50 10.81 -31.79
CA ALA F 304 -35.89 11.58 -32.96
C ALA F 304 -37.34 12.05 -32.86
N LYS F 305 -38.22 11.16 -32.40
CA LYS F 305 -39.61 11.54 -32.17
C LYS F 305 -39.70 12.58 -31.06
N ALA F 306 -38.76 12.54 -30.12
CA ALA F 306 -38.73 13.55 -29.06
C ALA F 306 -38.23 14.89 -29.56
N GLY F 307 -37.24 14.89 -30.43
CA GLY F 307 -36.71 16.11 -31.01
C GLY F 307 -35.25 16.42 -30.72
N VAL F 308 -34.42 15.42 -30.46
CA VAL F 308 -32.99 15.64 -30.24
C VAL F 308 -32.29 15.76 -31.59
N LYS F 309 -31.47 16.80 -31.74
CA LYS F 309 -30.77 17.08 -32.98
C LYS F 309 -29.27 17.07 -32.75
N ALA F 310 -28.50 17.00 -33.84
CA ALA F 310 -27.06 16.92 -33.72
C ALA F 310 -26.47 18.27 -33.33
N GLY F 311 -25.62 18.26 -32.31
CA GLY F 311 -24.92 19.45 -31.88
C GLY F 311 -25.30 19.98 -30.52
N ASP F 312 -26.38 19.49 -29.92
CA ASP F 312 -26.80 19.99 -28.62
C ASP F 312 -26.01 19.30 -27.51
N ILE F 313 -26.29 19.70 -26.28
CA ILE F 313 -25.54 19.26 -25.11
C ILE F 313 -26.53 18.68 -24.10
N ILE F 314 -26.23 17.48 -23.62
CA ILE F 314 -27.04 16.83 -22.58
C ILE F 314 -26.47 17.26 -21.23
N THR F 315 -27.31 17.80 -20.35
CA THR F 315 -26.86 18.30 -19.07
C THR F 315 -27.37 17.48 -17.88
N SER F 316 -28.65 17.08 -17.89
CA SER F 316 -29.25 16.42 -16.73
C SER F 316 -30.02 15.18 -17.15
N LEU F 317 -29.98 14.17 -16.29
CA LEU F 317 -30.77 12.96 -16.45
C LEU F 317 -31.64 12.79 -15.22
N ASN F 318 -32.96 12.82 -15.41
CA ASN F 318 -33.92 12.80 -14.31
C ASN F 318 -33.64 13.93 -13.32
N GLY F 319 -33.27 15.10 -13.85
CA GLY F 319 -32.96 16.25 -13.05
C GLY F 319 -31.61 16.22 -12.36
N LYS F 320 -30.99 15.05 -12.26
CA LYS F 320 -29.68 14.93 -11.62
C LYS F 320 -28.60 15.34 -12.61
N PRO F 321 -27.73 16.29 -12.26
CA PRO F 321 -26.69 16.71 -13.21
C PRO F 321 -25.76 15.56 -13.59
N LEU F 322 -25.36 15.54 -14.86
CA LEU F 322 -24.49 14.49 -15.37
C LEU F 322 -23.03 14.91 -15.26
N ASN F 323 -22.24 14.07 -14.59
CA ASN F 323 -20.83 14.31 -14.44
C ASN F 323 -20.02 13.93 -15.67
N SER F 324 -20.54 13.03 -16.51
CA SER F 324 -19.80 12.54 -17.67
C SER F 324 -20.77 11.99 -18.69
N PHE F 325 -20.22 11.57 -19.83
CA PHE F 325 -21.00 10.87 -20.84
C PHE F 325 -21.07 9.37 -20.53
N ALA F 326 -20.01 8.81 -19.95
CA ALA F 326 -20.02 7.41 -19.56
C ALA F 326 -21.06 7.12 -18.50
N GLU F 327 -21.23 8.04 -17.54
CA GLU F 327 -22.26 7.87 -16.53
C GLU F 327 -23.65 7.84 -17.17
N LEU F 328 -23.90 8.75 -18.11
CA LEU F 328 -25.18 8.75 -18.82
C LEU F 328 -25.39 7.44 -19.56
N ARG F 329 -24.35 6.95 -20.23
CA ARG F 329 -24.46 5.70 -20.98
C ARG F 329 -24.79 4.55 -20.04
N SER F 330 -24.10 4.45 -18.90
CA SER F 330 -24.33 3.33 -17.99
C SER F 330 -25.71 3.41 -17.35
N ARG F 331 -26.14 4.61 -16.95
CA ARG F 331 -27.44 4.75 -16.30
C ARG F 331 -28.57 4.50 -17.29
N ILE F 332 -28.38 4.85 -18.55
CA ILE F 332 -29.38 4.52 -19.56
C ILE F 332 -29.40 3.02 -19.83
N ALA F 333 -28.22 2.39 -19.89
CA ALA F 333 -28.16 0.96 -20.14
C ALA F 333 -28.83 0.17 -19.03
N THR F 334 -28.74 0.66 -17.80
CA THR F 334 -29.41 -0.02 -16.69
C THR F 334 -30.92 0.00 -16.85
N THR F 335 -31.49 1.12 -17.32
CA THR F 335 -32.93 1.29 -17.34
C THR F 335 -33.60 0.34 -18.33
N GLU F 336 -34.83 -0.08 -17.99
CA GLU F 336 -35.64 -1.04 -18.73
C GLU F 336 -36.21 -0.41 -19.99
N PRO F 337 -36.15 -1.11 -21.12
CA PRO F 337 -36.81 -0.62 -22.34
C PRO F 337 -38.29 -0.39 -22.10
N GLY F 338 -38.84 0.61 -22.81
CA GLY F 338 -40.22 1.00 -22.64
C GLY F 338 -40.44 2.07 -21.61
N THR F 339 -39.46 2.33 -20.75
CA THR F 339 -39.57 3.39 -19.75
C THR F 339 -39.44 4.76 -20.43
N LYS F 340 -39.92 5.78 -19.73
CA LYS F 340 -39.87 7.15 -20.20
C LYS F 340 -38.95 7.95 -19.29
N VAL F 341 -38.00 8.68 -19.89
CA VAL F 341 -37.07 9.51 -19.15
C VAL F 341 -37.20 10.94 -19.65
N LYS F 342 -36.69 11.87 -18.85
CA LYS F 342 -36.65 13.28 -19.21
C LYS F 342 -35.22 13.77 -19.19
N LEU F 343 -34.79 14.36 -20.31
CA LEU F 343 -33.43 14.82 -20.52
C LEU F 343 -33.39 16.34 -20.47
N GLY F 344 -32.45 16.87 -19.70
CA GLY F 344 -32.20 18.30 -19.68
C GLY F 344 -31.25 18.70 -20.78
N LEU F 345 -31.78 19.35 -21.81
CA LEU F 345 -31.07 19.59 -23.06
C LEU F 345 -30.64 21.05 -23.15
N LEU F 346 -29.54 21.28 -23.86
CA LEU F 346 -29.02 22.64 -24.08
C LEU F 346 -28.71 22.78 -25.57
N ARG F 347 -29.41 23.69 -26.23
CA ARG F 347 -29.25 23.89 -27.67
C ARG F 347 -29.20 25.38 -28.00
N ASN F 348 -28.16 25.78 -28.74
CA ASN F 348 -27.96 27.19 -29.12
C ASN F 348 -27.98 28.10 -27.90
N GLY F 349 -27.38 27.64 -26.80
CA GLY F 349 -27.35 28.42 -25.58
C GLY F 349 -28.68 28.53 -24.86
N LYS F 350 -29.65 27.67 -25.19
CA LYS F 350 -30.98 27.74 -24.64
C LYS F 350 -31.34 26.42 -23.97
N PRO F 351 -31.86 26.44 -22.75
CA PRO F 351 -32.23 25.19 -22.07
C PRO F 351 -33.61 24.70 -22.47
N LEU F 352 -33.78 23.39 -22.40
CA LEU F 352 -35.03 22.72 -22.76
C LEU F 352 -35.12 21.42 -21.97
N GLU F 353 -36.34 20.87 -21.94
CA GLU F 353 -36.58 19.56 -21.33
C GLU F 353 -37.26 18.68 -22.36
N VAL F 354 -36.71 17.49 -22.59
CA VAL F 354 -37.14 16.62 -23.68
C VAL F 354 -37.47 15.24 -23.12
N GLU F 355 -38.68 14.76 -23.39
CA GLU F 355 -39.13 13.47 -22.88
C GLU F 355 -38.92 12.40 -23.93
N VAL F 356 -38.19 11.34 -23.57
CA VAL F 356 -37.76 10.31 -24.51
C VAL F 356 -38.20 8.95 -23.99
N THR F 357 -38.74 8.13 -24.90
CA THR F 357 -39.07 6.73 -24.62
C THR F 357 -37.97 5.85 -25.20
N LEU F 358 -37.42 4.96 -24.38
CA LEU F 358 -36.31 4.14 -24.80
C LEU F 358 -36.78 2.95 -25.65
N ASP F 359 -35.86 2.40 -26.44
CA ASP F 359 -36.10 1.20 -27.22
C ASP F 359 -35.21 0.07 -26.73
N THR F 360 -35.30 -1.08 -27.39
CA THR F 360 -34.64 -2.29 -26.92
C THR F 360 -33.38 -2.58 -27.74
N SER F 361 -32.40 -3.18 -27.08
CA SER F 361 -31.15 -3.56 -27.73
C SER F 361 -31.25 -4.96 -28.34
N UNK G 1 4.52 -14.91 -2.24
CA UNK G 1 5.93 -14.60 -1.91
C UNK G 1 6.28 -15.15 -0.53
N UNK G 2 5.75 -14.56 0.56
CA UNK G 2 6.03 -15.00 1.95
C UNK G 2 7.44 -14.43 1.98
N UNK G 3 7.64 -13.28 2.61
CA UNK G 3 8.97 -12.67 2.75
C UNK G 3 8.98 -12.56 4.28
N UNK G 4 9.98 -11.87 4.83
CA UNK G 4 10.12 -11.71 6.28
C UNK G 4 10.89 -10.41 6.44
N UNK G 5 10.42 -9.52 7.30
CA UNK G 5 11.09 -8.20 7.35
C UNK G 5 12.44 -8.31 8.04
N UNK G 6 13.46 -7.52 7.65
CA UNK G 6 14.79 -7.46 8.32
C UNK G 6 15.98 -6.67 7.76
N UNK G 7 15.82 -5.38 7.45
CA UNK G 7 16.64 -4.64 6.47
C UNK G 7 16.60 -3.11 6.58
N UNK G 8 17.24 -2.46 5.61
CA UNK G 8 17.32 -0.98 5.54
C UNK G 8 17.34 -0.60 4.06
N UNK H 1 14.60 4.47 -4.96
CA UNK H 1 14.57 5.05 -3.60
C UNK H 1 13.57 6.20 -3.56
N UNK H 2 14.07 7.42 -3.31
CA UNK H 2 13.19 8.60 -3.21
C UNK H 2 12.71 8.96 -4.61
N UNK H 3 11.40 8.86 -4.84
CA UNK H 3 10.84 9.09 -6.18
C UNK H 3 9.86 10.26 -6.15
N UNK H 4 10.35 11.49 -6.28
CA UNK H 4 9.51 12.71 -6.33
C UNK H 4 8.12 12.38 -6.90
N UNK H 5 7.07 12.51 -6.10
CA UNK H 5 5.72 12.07 -6.53
C UNK H 5 5.32 12.81 -7.82
N UNK I 1 -1.18 -1.26 -14.57
CA UNK I 1 -2.07 -0.50 -15.48
C UNK I 1 -3.35 -1.31 -15.74
N UNK I 2 -4.46 -0.96 -15.09
CA UNK I 2 -5.76 -1.61 -15.33
C UNK I 2 -5.65 -3.13 -15.14
N UNK I 3 -5.53 -3.59 -13.90
CA UNK I 3 -5.36 -5.04 -13.61
C UNK I 3 -6.52 -5.56 -12.77
N UNK I 4 -7.66 -5.85 -13.38
CA UNK I 4 -8.82 -6.44 -12.67
C UNK I 4 -8.35 -7.62 -11.80
N UNK I 5 -8.97 -7.85 -10.64
CA UNK I 5 -8.48 -8.91 -9.72
C UNK I 5 -8.65 -10.28 -10.40
N UNK I 6 -8.26 -11.38 -9.77
CA UNK I 6 -8.27 -12.67 -10.50
C UNK I 6 -8.27 -13.88 -9.57
N UNK I 7 -7.09 -14.43 -9.25
CA UNK I 7 -6.96 -15.61 -8.36
C UNK I 7 -6.03 -15.28 -7.19
#